data_4Q8B
#
_entry.id   4Q8B
#
_cell.length_a   53.278
_cell.length_b   116.612
_cell.length_c   81.099
_cell.angle_alpha   90.00
_cell.angle_beta   99.32
_cell.angle_gamma   90.00
#
_symmetry.space_group_name_H-M   'P 1 21 1'
#
loop_
_entity.id
_entity.type
_entity.pdbx_description
1 polymer 'Spore coat protein A'
2 non-polymer 'COPPER (II) ION'
3 non-polymer 'OXYGEN MOLECULE'
4 non-polymer 'CHLORIDE ION'
5 non-polymer 'MAGNESIUM ION'
6 non-polymer SINAPINATE
7 non-polymer 'TRIETHYLENE GLYCOL'
8 water water
#
_entity_poly.entity_id   1
_entity_poly.type   'polypeptide(L)'
_entity_poly.pdbx_seq_one_letter_code
;MTLEKFVDALPIPDTLKPVQQSKEKTYYEVTMEECTHQLHRDLPPTRLWGYNGLFPGPTIEVKRNENVYVKWMNNLPSTH
FLPIDHTIHHSDSQHEEPEVKTVVHLHGGVTPDDSDGYPEAWFSKDFEQTGPYFKREVYHYPNQQRGAILWYHDHAMALT
RLNVYAGLVGAYIIHDPKEKRLKLPSDEYDVPLLITDRTINEDGSLFYPSAPENPSPSLPNPSIVPAFCGETILVNGKVW
PYLEVEPRKYRFRVINASNTRTYNLSLDNGGDFIQIGSDGGLLPRSVKLNSFSLAPAERYDIIIDFTAYEGESIILANSA
GCGGDVNPETDANIMQFRVTKPLAQKDESRKPKYLASYPSVQHERIQNIRTLKLAGTQDEYGRPVLLLNNKRWHDPVTET
PKVGTTEIWSIINPTRGTHPIHLHLVSFRVLDRRPFDIARYQESGELSYTGPAVPPPPSEKGWKDTIQAHAGEVLRIAAT
FGPYSGRYVWHCHILEHEDYDMMRPMDITDPHK
;
_entity_poly.pdbx_strand_id   A,B
#
# COMPACT_ATOMS: atom_id res chain seq x y z
N THR A 2 -21.66 -7.29 -40.65
CA THR A 2 -20.71 -6.46 -39.82
C THR A 2 -20.86 -4.96 -40.11
N LEU A 3 -20.22 -4.12 -39.31
CA LEU A 3 -20.45 -2.68 -39.41
C LEU A 3 -19.88 -2.10 -40.70
N GLU A 4 -20.62 -1.18 -41.31
CA GLU A 4 -20.21 -0.63 -42.60
C GLU A 4 -18.94 0.24 -42.44
N LYS A 5 -17.94 -0.08 -43.24
CA LYS A 5 -16.66 0.58 -43.11
C LYS A 5 -16.65 1.97 -43.69
N PHE A 6 -15.91 2.85 -43.03
CA PHE A 6 -15.60 4.17 -43.59
C PHE A 6 -16.80 5.10 -43.74
N VAL A 7 -17.69 5.13 -42.75
CA VAL A 7 -18.79 6.07 -42.78
C VAL A 7 -18.73 7.12 -41.67
N ASP A 8 -17.76 6.98 -40.77
CA ASP A 8 -17.51 7.96 -39.71
C ASP A 8 -16.21 8.72 -39.91
N ALA A 9 -16.25 10.05 -39.83
CA ALA A 9 -15.02 10.83 -39.92
C ALA A 9 -14.13 10.55 -38.70
N LEU A 10 -12.83 10.53 -38.94
CA LEU A 10 -11.82 10.35 -37.89
C LEU A 10 -11.84 11.48 -36.84
N PRO A 11 -12.19 11.18 -35.60
CA PRO A 11 -12.05 12.26 -34.61
C PRO A 11 -10.58 12.62 -34.41
N ILE A 12 -10.34 13.91 -34.18
CA ILE A 12 -9.03 14.41 -33.75
C ILE A 12 -9.23 14.93 -32.33
N PRO A 13 -8.69 14.20 -31.35
CA PRO A 13 -8.88 14.61 -29.95
C PRO A 13 -8.39 16.05 -29.75
N ASP A 14 -9.13 16.84 -29.03
CA ASP A 14 -8.70 18.18 -28.76
C ASP A 14 -7.45 18.12 -27.85
N THR A 15 -6.64 19.17 -27.93
CA THR A 15 -5.44 19.29 -27.11
C THR A 15 -5.85 19.84 -25.77
N LEU A 16 -5.45 19.12 -24.72
CA LEU A 16 -5.82 19.46 -23.37
C LEU A 16 -5.34 20.86 -23.00
N LYS A 17 -6.22 21.62 -22.35
CA LYS A 17 -5.80 22.95 -21.89
C LYS A 17 -5.39 22.93 -20.43
N PRO A 18 -4.28 23.64 -20.10
CA PRO A 18 -3.86 23.58 -18.70
C PRO A 18 -4.81 24.33 -17.75
N VAL A 19 -4.82 23.90 -16.49
CA VAL A 19 -5.49 24.64 -15.41
C VAL A 19 -4.70 25.92 -15.14
N GLN A 20 -3.38 25.79 -15.15
CA GLN A 20 -2.54 26.93 -14.93
C GLN A 20 -1.26 26.75 -15.72
N GLN A 21 -0.80 27.84 -16.32
CA GLN A 21 0.50 27.81 -17.00
C GLN A 21 1.32 29.09 -16.79
N SER A 22 2.57 28.94 -16.38
CA SER A 22 3.51 30.07 -16.30
C SER A 22 4.71 29.72 -17.13
N LYS A 23 5.69 30.62 -17.21
CA LYS A 23 6.89 30.31 -17.97
C LYS A 23 7.73 29.24 -17.35
N GLU A 24 7.42 28.84 -16.14
CA GLU A 24 8.21 27.83 -15.53
C GLU A 24 7.46 26.61 -14.99
N LYS A 25 6.14 26.56 -15.08
CA LYS A 25 5.42 25.38 -14.70
C LYS A 25 4.03 25.32 -15.35
N THR A 26 3.63 24.12 -15.74
CA THR A 26 2.30 23.86 -16.35
C THR A 26 1.55 22.83 -15.52
N TYR A 27 0.31 23.15 -15.13
CA TYR A 27 -0.48 22.29 -14.31
C TYR A 27 -1.78 21.89 -15.02
N TYR A 28 -1.97 20.58 -15.11
CA TYR A 28 -3.17 19.92 -15.68
C TYR A 28 -3.90 19.10 -14.62
N GLU A 29 -5.20 19.03 -14.79
CA GLU A 29 -6.07 18.12 -14.04
C GLU A 29 -6.86 17.28 -15.06
N VAL A 30 -6.86 15.98 -14.83
CA VAL A 30 -7.58 15.01 -15.70
C VAL A 30 -8.35 14.03 -14.84
N THR A 31 -9.65 13.88 -15.12
CA THR A 31 -10.51 13.02 -14.32
C THR A 31 -10.93 11.85 -15.16
N MET A 32 -10.89 10.68 -14.59
CA MET A 32 -11.36 9.44 -15.28
C MET A 32 -12.84 9.36 -14.99
N GLU A 33 -13.65 9.28 -16.05
CA GLU A 33 -15.10 9.29 -15.91
C GLU A 33 -15.74 8.19 -16.77
N GLU A 34 -16.78 7.58 -16.24
CA GLU A 34 -17.62 6.71 -17.09
C GLU A 34 -18.44 7.61 -17.99
N CYS A 35 -18.53 7.24 -19.25
CA CYS A 35 -19.20 8.02 -20.23
C CYS A 35 -19.81 7.12 -21.32
N THR A 36 -20.53 7.76 -22.24
CA THR A 36 -21.11 7.09 -23.37
C THR A 36 -20.77 7.82 -24.64
N HIS A 37 -20.26 7.06 -25.59
CA HIS A 37 -19.97 7.58 -26.90
C HIS A 37 -20.37 6.59 -27.94
N GLN A 38 -20.81 7.08 -29.08
CA GLN A 38 -21.11 6.22 -30.20
C GLN A 38 -19.81 5.85 -30.89
N LEU A 39 -19.57 4.59 -31.12
CA LEU A 39 -18.33 4.19 -31.80
C LEU A 39 -18.46 4.01 -33.32
N HIS A 40 -19.71 3.99 -33.78
CA HIS A 40 -20.03 3.84 -35.19
C HIS A 40 -21.42 4.44 -35.44
N ARG A 41 -21.60 4.98 -36.64
CA ARG A 41 -22.89 5.53 -37.08
C ARG A 41 -24.09 4.68 -36.70
N ASP A 42 -23.96 3.36 -36.84
CA ASP A 42 -25.10 2.47 -36.73
C ASP A 42 -25.23 1.80 -35.35
N LEU A 43 -24.48 2.28 -34.35
CA LEU A 43 -24.59 1.71 -33.00
C LEU A 43 -25.16 2.65 -32.01
N PRO A 44 -25.89 2.13 -31.00
CA PRO A 44 -26.23 2.91 -29.85
C PRO A 44 -24.94 3.30 -29.14
N PRO A 45 -24.95 4.36 -28.35
CA PRO A 45 -23.76 4.78 -27.58
C PRO A 45 -23.22 3.67 -26.64
N THR A 46 -21.90 3.52 -26.58
CA THR A 46 -21.22 2.53 -25.78
C THR A 46 -20.77 3.13 -24.42
N ARG A 47 -21.00 2.40 -23.32
CA ARG A 47 -20.44 2.69 -22.03
C ARG A 47 -18.91 2.49 -22.09
N LEU A 48 -18.20 3.55 -21.73
CA LEU A 48 -16.74 3.60 -21.76
C LEU A 48 -16.20 4.27 -20.50
N TRP A 49 -14.92 4.00 -20.20
CA TRP A 49 -14.20 4.80 -19.23
C TRP A 49 -13.20 5.66 -19.96
N GLY A 50 -13.26 6.97 -19.72
CA GLY A 50 -12.42 7.88 -20.51
C GLY A 50 -11.81 8.97 -19.63
N TYR A 51 -10.57 9.30 -19.94
CA TYR A 51 -9.91 10.51 -19.39
C TYR A 51 -10.68 11.76 -19.81
N ASN A 52 -11.15 12.51 -18.81
CA ASN A 52 -12.08 13.62 -19.00
C ASN A 52 -13.35 13.19 -19.73
N GLY A 53 -13.77 11.95 -19.56
CA GLY A 53 -14.92 11.40 -20.27
C GLY A 53 -14.83 11.34 -21.76
N LEU A 54 -13.63 11.18 -22.32
CA LEU A 54 -13.41 11.17 -23.73
C LEU A 54 -12.64 9.88 -24.06
N PHE A 55 -12.92 9.28 -25.22
CA PHE A 55 -12.19 8.11 -25.69
C PHE A 55 -11.79 8.31 -27.13
N PRO A 56 -10.51 8.38 -27.42
CA PRO A 56 -9.38 8.44 -26.49
C PRO A 56 -9.43 9.72 -25.64
N GLY A 57 -8.57 9.76 -24.67
CA GLY A 57 -8.41 10.93 -23.85
C GLY A 57 -7.88 12.12 -24.62
N PRO A 58 -7.89 13.29 -24.00
CA PRO A 58 -7.37 14.43 -24.72
C PRO A 58 -5.90 14.28 -25.05
N THR A 59 -5.46 14.84 -26.17
CA THR A 59 -4.04 14.84 -26.52
C THR A 59 -3.35 15.91 -25.66
N ILE A 60 -2.27 15.54 -25.00
CA ILE A 60 -1.49 16.49 -24.25
C ILE A 60 -0.25 16.79 -25.04
N GLU A 61 0.03 18.09 -25.19
CA GLU A 61 1.15 18.60 -25.98
C GLU A 61 2.00 19.46 -25.08
N VAL A 62 3.28 19.07 -24.99
CA VAL A 62 4.24 19.75 -24.19
C VAL A 62 5.50 20.01 -24.98
N LYS A 63 6.30 20.96 -24.50
CA LYS A 63 7.66 21.14 -25.05
C LYS A 63 8.67 20.36 -24.25
N ARG A 64 9.79 20.04 -24.92
CA ARG A 64 10.92 19.49 -24.23
C ARG A 64 11.36 20.44 -23.12
N ASN A 65 11.59 19.90 -21.93
CA ASN A 65 11.95 20.65 -20.70
C ASN A 65 10.81 21.48 -20.10
N GLU A 66 9.61 21.31 -20.60
CA GLU A 66 8.44 21.97 -19.96
C GLU A 66 8.15 21.26 -18.65
N ASN A 67 8.11 22.02 -17.56
CA ASN A 67 7.94 21.49 -16.25
C ASN A 67 6.41 21.25 -15.99
N VAL A 68 5.97 20.01 -16.16
CA VAL A 68 4.56 19.65 -16.16
C VAL A 68 4.14 18.86 -14.92
N TYR A 69 3.01 19.24 -14.35
CA TYR A 69 2.37 18.48 -13.30
C TYR A 69 0.95 18.09 -13.78
N VAL A 70 0.54 16.85 -13.55
CA VAL A 70 -0.82 16.37 -13.84
C VAL A 70 -1.38 15.72 -12.58
N LYS A 71 -2.57 16.22 -12.16
CA LYS A 71 -3.33 15.57 -11.12
C LYS A 71 -4.34 14.65 -11.82
N TRP A 72 -4.04 13.34 -11.83
CA TRP A 72 -4.91 12.28 -12.37
C TRP A 72 -5.91 11.83 -11.30
N MET A 73 -7.19 11.91 -11.59
CA MET A 73 -8.21 11.62 -10.57
C MET A 73 -9.17 10.54 -11.05
N ASN A 74 -9.62 9.73 -10.13
CA ASN A 74 -10.55 8.69 -10.41
C ASN A 74 -11.95 9.15 -9.99
N ASN A 75 -12.82 9.30 -10.99
CA ASN A 75 -14.25 9.61 -10.75
C ASN A 75 -15.14 8.46 -11.30
N LEU A 76 -14.55 7.27 -11.40
CA LEU A 76 -15.20 6.12 -11.94
C LEU A 76 -16.10 5.47 -10.90
N PRO A 77 -16.99 4.61 -11.35
CA PRO A 77 -17.84 3.90 -10.39
C PRO A 77 -17.02 2.90 -9.57
N SER A 78 -17.61 2.41 -8.51
CA SER A 78 -16.89 1.52 -7.64
C SER A 78 -16.93 0.08 -8.11
N THR A 79 -17.65 -0.23 -9.19
CA THR A 79 -17.62 -1.56 -9.76
C THR A 79 -17.26 -1.49 -11.22
N HIS A 80 -16.59 -2.52 -11.71
CA HIS A 80 -16.19 -2.55 -13.10
C HIS A 80 -17.35 -3.09 -13.94
N PHE A 81 -17.37 -2.76 -15.22
CA PHE A 81 -18.35 -3.31 -16.13
C PHE A 81 -17.81 -4.45 -16.93
N LEU A 82 -16.51 -4.66 -16.90
CA LEU A 82 -15.90 -5.79 -17.60
C LEU A 82 -15.59 -6.94 -16.63
N PRO A 83 -15.31 -8.15 -17.13
CA PRO A 83 -15.17 -9.28 -16.19
C PRO A 83 -13.84 -9.31 -15.46
N ILE A 84 -13.88 -9.31 -14.13
CA ILE A 84 -12.69 -9.35 -13.28
C ILE A 84 -12.45 -10.78 -12.83
N ASP A 85 -11.23 -11.28 -13.06
CA ASP A 85 -10.83 -12.59 -12.53
C ASP A 85 -10.17 -12.35 -11.17
N HIS A 86 -10.82 -12.80 -10.11
CA HIS A 86 -10.32 -12.60 -8.75
C HIS A 86 -9.19 -13.54 -8.35
N THR A 87 -8.79 -14.44 -9.23
CA THR A 87 -7.75 -15.40 -8.87
C THR A 87 -6.35 -15.05 -9.30
N ILE A 88 -6.12 -13.96 -10.03
CA ILE A 88 -4.78 -13.77 -10.57
C ILE A 88 -3.84 -12.98 -9.65
N HIS A 89 -4.36 -12.25 -8.69
CA HIS A 89 -3.49 -11.55 -7.75
C HIS A 89 -4.22 -11.26 -6.45
N GLU A 97 -10.20 -4.93 -0.59
CA GLU A 97 -9.67 -3.95 -1.53
C GLU A 97 -10.70 -3.50 -2.55
N PRO A 98 -10.65 -2.23 -2.97
CA PRO A 98 -11.65 -1.84 -3.92
C PRO A 98 -11.50 -2.64 -5.22
N GLU A 99 -12.64 -2.94 -5.84
CA GLU A 99 -12.66 -3.65 -7.11
C GLU A 99 -12.02 -2.80 -8.22
N VAL A 100 -12.31 -1.51 -8.23
CA VAL A 100 -11.79 -0.61 -9.29
C VAL A 100 -10.59 0.19 -8.76
N LYS A 101 -9.44 -0.01 -9.36
CA LYS A 101 -8.17 0.62 -8.98
C LYS A 101 -7.58 1.18 -10.26
N THR A 102 -7.02 2.37 -10.19
CA THR A 102 -6.44 3.03 -11.32
C THR A 102 -5.14 3.69 -10.95
N VAL A 103 -4.28 3.82 -11.97
CA VAL A 103 -3.07 4.61 -11.86
C VAL A 103 -2.64 4.88 -13.30
N VAL A 104 -2.15 6.09 -13.55
CA VAL A 104 -1.78 6.51 -14.91
C VAL A 104 -0.25 6.48 -15.09
N HIS A 105 0.17 5.77 -16.14
CA HIS A 105 1.54 5.70 -16.60
C HIS A 105 1.65 6.48 -17.88
N LEU A 106 2.62 7.37 -17.91
CA LEU A 106 3.08 8.03 -19.11
C LEU A 106 4.12 7.14 -19.81
N HIS A 107 3.68 6.44 -20.85
CA HIS A 107 4.48 5.46 -21.54
C HIS A 107 5.50 6.18 -22.35
N GLY A 108 6.74 5.87 -22.06
CA GLY A 108 7.89 6.61 -22.60
C GLY A 108 8.40 7.78 -21.78
N GLY A 109 7.71 8.15 -20.70
CA GLY A 109 8.12 9.33 -19.93
C GLY A 109 9.47 9.06 -19.26
N VAL A 110 10.33 10.04 -19.28
CA VAL A 110 11.54 10.01 -18.43
C VAL A 110 11.07 10.73 -17.16
N THR A 111 10.64 9.90 -16.21
CA THR A 111 9.80 10.34 -15.12
C THR A 111 10.37 9.85 -13.78
N PRO A 112 10.39 10.72 -12.78
CA PRO A 112 10.76 10.24 -11.43
C PRO A 112 9.91 9.06 -11.04
N ASP A 113 10.47 8.10 -10.29
CA ASP A 113 9.77 6.87 -10.01
C ASP A 113 8.38 7.03 -9.34
N ASP A 114 8.24 8.04 -8.48
CA ASP A 114 6.96 8.28 -7.79
C ASP A 114 5.90 8.95 -8.64
N SER A 115 6.26 9.31 -9.88
CA SER A 115 5.32 9.82 -10.87
C SER A 115 5.12 8.92 -12.07
N ASP A 116 5.73 7.74 -12.05
CA ASP A 116 5.74 6.86 -13.22
C ASP A 116 4.52 5.99 -13.35
N GLY A 117 3.67 5.94 -12.34
CA GLY A 117 2.42 5.11 -12.42
C GLY A 117 2.69 3.64 -12.12
N TYR A 118 3.42 3.39 -11.03
CA TYR A 118 3.74 2.04 -10.58
C TYR A 118 2.47 1.25 -10.35
N PRO A 119 2.41 -0.03 -10.78
CA PRO A 119 1.13 -0.71 -10.73
C PRO A 119 0.52 -0.82 -9.33
N GLU A 120 1.35 -0.81 -8.30
CA GLU A 120 0.82 -0.87 -6.90
C GLU A 120 0.72 0.52 -6.23
N ALA A 121 0.84 1.60 -7.02
CA ALA A 121 0.55 2.96 -6.56
C ALA A 121 -0.86 3.38 -6.98
N TRP A 122 -1.72 2.41 -7.17
CA TRP A 122 -3.10 2.65 -7.56
C TRP A 122 -3.91 3.38 -6.51
N PHE A 123 -5.05 3.91 -6.98
CA PHE A 123 -6.03 4.61 -6.14
C PHE A 123 -7.44 4.29 -6.59
N SER A 124 -8.34 4.22 -5.62
CA SER A 124 -9.73 4.04 -5.95
C SER A 124 -10.38 5.43 -6.13
N LYS A 125 -11.70 5.39 -6.33
CA LYS A 125 -12.49 6.59 -6.40
C LYS A 125 -12.14 7.64 -5.34
N ASP A 126 -11.79 8.84 -5.82
CA ASP A 126 -11.45 9.99 -5.01
C ASP A 126 -10.27 9.73 -4.06
N PHE A 127 -9.32 8.86 -4.46
CA PHE A 127 -8.20 8.50 -3.61
C PHE A 127 -8.64 7.97 -2.24
N GLU A 128 -9.86 7.46 -2.15
CA GLU A 128 -10.39 6.92 -0.86
C GLU A 128 -9.57 5.77 -0.28
N GLN A 129 -9.17 4.84 -1.14
CA GLN A 129 -8.26 3.77 -0.79
C GLN A 129 -7.07 3.73 -1.80
N THR A 130 -5.89 3.39 -1.33
CA THR A 130 -4.71 3.46 -2.22
C THR A 130 -3.81 2.29 -2.03
N GLY A 131 -3.00 1.99 -3.05
CA GLY A 131 -2.13 0.84 -2.94
C GLY A 131 -0.88 1.07 -2.07
N PRO A 132 -0.09 0.03 -1.85
CA PRO A 132 1.08 0.11 -0.94
C PRO A 132 2.16 1.10 -1.37
N TYR A 133 2.25 1.40 -2.66
CA TYR A 133 3.27 2.33 -3.16
C TYR A 133 2.68 3.73 -3.50
N PHE A 134 1.42 3.97 -3.16
CA PHE A 134 0.82 5.27 -3.38
C PHE A 134 1.50 6.36 -2.54
N LYS A 135 1.86 7.45 -3.17
CA LYS A 135 2.61 8.51 -2.54
C LYS A 135 2.13 9.89 -2.87
N ARG A 136 1.66 10.13 -4.08
CA ARG A 136 1.29 11.49 -4.45
C ARG A 136 0.11 11.52 -5.37
N GLU A 137 -0.68 12.59 -5.21
CA GLU A 137 -1.87 12.79 -6.07
C GLU A 137 -1.47 13.44 -7.37
N VAL A 138 -0.47 14.31 -7.31
CA VAL A 138 -0.05 15.13 -8.45
C VAL A 138 1.28 14.63 -8.96
N TYR A 139 1.26 14.10 -10.16
CA TYR A 139 2.45 13.58 -10.88
C TYR A 139 3.28 14.71 -11.53
N HIS A 140 4.59 14.50 -11.56
CA HIS A 140 5.54 15.41 -12.10
C HIS A 140 6.26 14.82 -13.29
N TYR A 141 6.15 15.50 -14.43
CA TYR A 141 6.80 15.14 -15.67
C TYR A 141 7.70 16.30 -16.10
N PRO A 142 9.02 16.16 -15.87
CA PRO A 142 9.92 17.21 -16.27
C PRO A 142 10.18 17.26 -17.74
N ASN A 143 9.87 16.19 -18.47
CA ASN A 143 10.00 16.18 -19.94
C ASN A 143 11.41 16.51 -20.45
N GLN A 144 12.40 16.12 -19.69
CA GLN A 144 13.82 16.33 -20.03
C GLN A 144 14.31 15.20 -20.91
N GLN A 145 13.79 15.18 -22.13
CA GLN A 145 14.01 14.07 -23.07
C GLN A 145 13.78 14.47 -24.48
N ARG A 146 14.18 13.60 -25.42
CA ARG A 146 13.97 13.89 -26.83
C ARG A 146 12.51 14.01 -27.20
N GLY A 147 12.22 14.88 -28.16
CA GLY A 147 10.90 15.01 -28.75
C GLY A 147 10.48 13.63 -29.25
N ALA A 148 9.24 13.26 -28.97
CA ALA A 148 8.72 11.94 -29.31
C ALA A 148 7.22 11.89 -29.10
N ILE A 149 6.63 10.84 -29.67
CA ILE A 149 5.29 10.44 -29.40
C ILE A 149 5.26 9.53 -28.16
N LEU A 150 4.66 10.02 -27.08
CA LEU A 150 4.38 9.21 -25.91
C LEU A 150 2.88 8.93 -25.87
N TRP A 151 2.44 8.15 -24.87
CA TRP A 151 1.03 8.00 -24.66
C TRP A 151 0.82 7.63 -23.22
N TYR A 152 -0.37 7.91 -22.74
CA TYR A 152 -0.70 7.63 -21.33
C TYR A 152 -1.85 6.65 -21.24
N HIS A 153 -1.84 5.80 -20.21
CA HIS A 153 -2.81 4.75 -20.08
C HIS A 153 -2.82 4.22 -18.68
N ASP A 154 -3.90 3.54 -18.34
CA ASP A 154 -4.00 2.91 -17.02
C ASP A 154 -2.97 1.78 -16.84
N HIS A 155 -2.49 1.62 -15.61
CA HIS A 155 -1.46 0.63 -15.34
C HIS A 155 -1.71 -0.07 -14.02
N ALA A 156 -2.93 -0.03 -13.51
CA ALA A 156 -3.22 -0.69 -12.23
C ALA A 156 -2.96 -2.20 -12.19
N MET A 157 -2.32 -2.63 -11.10
CA MET A 157 -2.02 -4.06 -10.80
C MET A 157 -3.23 -4.98 -11.08
N ALA A 158 -3.01 -5.89 -12.02
CA ALA A 158 -3.90 -6.96 -12.40
C ALA A 158 -5.21 -6.51 -13.09
N LEU A 159 -5.26 -5.24 -13.47
CA LEU A 159 -6.45 -4.66 -14.06
C LEU A 159 -6.13 -3.92 -15.33
N THR A 160 -4.87 -3.93 -15.72
CA THR A 160 -4.47 -3.11 -16.85
C THR A 160 -5.20 -3.46 -18.15
N ARG A 161 -5.30 -4.76 -18.43
CA ARG A 161 -5.96 -5.20 -19.64
C ARG A 161 -7.43 -4.70 -19.67
N LEU A 162 -8.09 -4.67 -18.51
CA LEU A 162 -9.47 -4.24 -18.42
C LEU A 162 -9.59 -2.73 -18.49
N ASN A 163 -8.77 -2.01 -17.73
CA ASN A 163 -8.91 -0.57 -17.68
C ASN A 163 -8.52 0.07 -19.00
N VAL A 164 -7.52 -0.47 -19.67
CA VAL A 164 -7.18 0.04 -21.00
C VAL A 164 -8.29 -0.24 -22.04
N TYR A 165 -8.81 -1.48 -22.04
CA TYR A 165 -9.82 -1.88 -22.99
C TYR A 165 -11.08 -1.05 -22.78
N ALA A 166 -11.33 -0.64 -21.54
CA ALA A 166 -12.47 0.18 -21.23
C ALA A 166 -12.41 1.59 -21.84
N GLY A 167 -11.21 2.04 -22.24
CA GLY A 167 -11.00 3.31 -22.92
C GLY A 167 -9.96 4.28 -22.33
N LEU A 168 -9.29 3.90 -21.26
CA LEU A 168 -8.26 4.75 -20.60
C LEU A 168 -6.90 4.75 -21.33
N VAL A 169 -6.89 5.44 -22.47
CA VAL A 169 -5.69 5.71 -23.33
C VAL A 169 -5.76 7.12 -23.93
N GLY A 170 -4.60 7.73 -24.15
CA GLY A 170 -4.48 9.06 -24.72
C GLY A 170 -3.07 9.33 -25.20
N ALA A 171 -2.92 10.27 -26.12
CA ALA A 171 -1.62 10.59 -26.71
C ALA A 171 -0.99 11.74 -25.93
N TYR A 172 0.35 11.77 -25.90
CA TYR A 172 1.12 12.82 -25.22
C TYR A 172 2.31 13.09 -26.10
N ILE A 173 2.38 14.28 -26.68
CA ILE A 173 3.41 14.61 -27.66
C ILE A 173 4.40 15.56 -27.05
N ILE A 174 5.66 15.19 -27.10
CA ILE A 174 6.72 16.13 -26.71
C ILE A 174 7.36 16.78 -27.94
N HIS A 175 7.26 18.10 -27.99
CA HIS A 175 7.76 18.88 -29.11
C HIS A 175 9.10 19.48 -28.73
N ASP A 176 10.16 19.19 -29.50
CA ASP A 176 11.47 19.79 -29.29
C ASP A 176 11.61 20.93 -30.27
N PRO A 177 11.65 22.20 -29.79
CA PRO A 177 11.69 23.38 -30.66
C PRO A 177 12.85 23.34 -31.65
N LYS A 178 13.94 22.72 -31.26
CA LYS A 178 15.10 22.56 -32.18
C LYS A 178 14.74 21.78 -33.45
N GLU A 179 13.83 20.82 -33.32
CA GLU A 179 13.38 20.06 -34.50
C GLU A 179 12.57 20.87 -35.51
N LYS A 180 12.13 22.08 -35.16
CA LYS A 180 11.44 22.97 -36.11
C LYS A 180 12.29 23.24 -37.33
N ARG A 181 13.60 23.14 -37.18
CA ARG A 181 14.50 23.41 -38.28
C ARG A 181 14.24 22.45 -39.44
N LEU A 182 13.69 21.28 -39.13
CA LEU A 182 13.42 20.24 -40.16
C LEU A 182 12.18 20.55 -41.06
N LYS A 183 11.32 21.45 -40.58
CA LYS A 183 10.11 21.84 -41.27
C LYS A 183 9.14 20.70 -41.55
N LEU A 184 9.03 19.77 -40.61
CA LEU A 184 8.16 18.63 -40.79
C LEU A 184 6.71 19.13 -40.78
N PRO A 185 5.80 18.39 -41.42
CA PRO A 185 4.41 18.81 -41.29
C PRO A 185 3.93 19.00 -39.84
N SER A 186 3.15 20.06 -39.60
CA SER A 186 2.80 20.49 -38.26
C SER A 186 1.39 21.04 -38.15
N ASP A 187 0.99 21.35 -36.92
CA ASP A 187 -0.29 21.94 -36.64
C ASP A 187 -1.41 21.06 -37.20
N GLU A 188 -2.27 21.55 -38.09
CA GLU A 188 -3.40 20.73 -38.53
C GLU A 188 -2.99 19.57 -39.45
N TYR A 189 -1.72 19.54 -39.91
CA TYR A 189 -1.20 18.44 -40.74
C TYR A 189 -0.32 17.46 -39.93
N ASP A 190 -0.54 17.42 -38.61
CA ASP A 190 0.15 16.57 -37.70
C ASP A 190 -0.88 15.92 -36.78
N VAL A 191 -1.15 14.66 -37.00
CA VAL A 191 -2.38 14.01 -36.49
C VAL A 191 -2.00 12.73 -35.81
N PRO A 192 -2.38 12.59 -34.52
CA PRO A 192 -2.27 11.29 -33.84
C PRO A 192 -3.28 10.29 -34.39
N LEU A 193 -2.87 9.02 -34.49
CA LEU A 193 -3.71 7.88 -34.81
C LEU A 193 -3.57 6.79 -33.75
N LEU A 194 -4.53 6.74 -32.83
CA LEU A 194 -4.51 5.73 -31.77
C LEU A 194 -5.39 4.58 -32.24
N ILE A 195 -4.75 3.46 -32.51
CA ILE A 195 -5.43 2.25 -33.03
C ILE A 195 -5.76 1.29 -31.90
N THR A 196 -7.05 0.96 -31.76
CA THR A 196 -7.56 0.02 -30.76
C THR A 196 -8.52 -0.96 -31.45
N ASP A 197 -8.35 -2.26 -31.23
CA ASP A 197 -9.35 -3.26 -31.66
C ASP A 197 -10.32 -3.55 -30.53
N ARG A 198 -11.58 -3.77 -30.89
CA ARG A 198 -12.61 -4.00 -29.91
C ARG A 198 -13.59 -5.00 -30.50
N THR A 199 -14.30 -5.67 -29.61
CA THR A 199 -15.47 -6.43 -29.99
C THR A 199 -16.66 -5.76 -29.36
N ILE A 200 -17.66 -5.47 -30.20
CA ILE A 200 -18.82 -4.72 -29.77
C ILE A 200 -20.08 -5.50 -30.04
N ASN A 201 -20.92 -5.62 -29.01
CA ASN A 201 -22.22 -6.29 -29.11
C ASN A 201 -23.19 -5.50 -29.94
N GLU A 202 -24.25 -6.14 -30.45
CA GLU A 202 -25.23 -5.42 -31.25
C GLU A 202 -25.86 -4.24 -30.54
N ASP A 203 -25.98 -4.30 -29.22
CA ASP A 203 -26.53 -3.19 -28.46
C ASP A 203 -25.53 -2.07 -28.17
N GLY A 204 -24.36 -2.10 -28.79
CA GLY A 204 -23.32 -1.11 -28.50
C GLY A 204 -22.38 -1.40 -27.35
N SER A 205 -22.70 -2.37 -26.48
CA SER A 205 -21.84 -2.56 -25.33
C SER A 205 -20.56 -3.24 -25.72
N LEU A 206 -19.49 -2.94 -24.99
CA LEU A 206 -18.25 -3.62 -25.21
C LEU A 206 -18.35 -5.08 -24.77
N PHE A 207 -17.73 -5.94 -25.55
CA PHE A 207 -17.51 -7.30 -25.17
C PHE A 207 -16.02 -7.58 -24.84
N TYR A 208 -15.78 -8.11 -23.66
CA TYR A 208 -14.47 -8.64 -23.30
C TYR A 208 -14.73 -10.03 -22.69
N PRO A 209 -13.99 -11.04 -23.14
CA PRO A 209 -14.25 -12.42 -22.72
C PRO A 209 -14.09 -12.68 -21.24
N SER A 210 -14.97 -13.52 -20.71
CA SER A 210 -14.97 -13.85 -19.30
C SER A 210 -14.40 -15.26 -19.09
N ALA A 211 -13.96 -15.91 -20.15
CA ALA A 211 -13.34 -17.22 -20.06
C ALA A 211 -12.59 -17.48 -21.36
N PRO A 212 -11.51 -18.27 -21.31
CA PRO A 212 -10.81 -18.63 -22.51
C PRO A 212 -11.53 -19.85 -23.10
N GLU A 213 -10.98 -20.39 -24.19
CA GLU A 213 -11.51 -21.64 -24.87
C GLU A 213 -11.50 -22.93 -24.04
N ASN A 214 -10.42 -23.16 -23.30
CA ASN A 214 -10.22 -24.35 -22.46
C ASN A 214 -11.47 -24.70 -21.67
N PRO A 215 -12.03 -25.92 -21.88
CA PRO A 215 -13.29 -26.25 -21.21
C PRO A 215 -13.13 -26.84 -19.79
N SER A 216 -11.93 -26.86 -19.23
CA SER A 216 -11.73 -27.43 -17.91
C SER A 216 -12.76 -26.97 -16.85
N PRO A 217 -13.35 -27.92 -16.11
CA PRO A 217 -14.31 -27.50 -15.08
C PRO A 217 -13.65 -26.82 -13.88
N SER A 218 -12.32 -26.89 -13.79
CA SER A 218 -11.57 -26.27 -12.70
C SER A 218 -11.64 -24.74 -12.72
N LEU A 219 -11.79 -24.15 -13.92
CA LEU A 219 -11.51 -22.69 -14.10
C LEU A 219 -12.37 -21.75 -13.31
N PRO A 220 -11.74 -20.72 -12.75
CA PRO A 220 -12.60 -19.71 -12.15
C PRO A 220 -13.51 -19.08 -13.20
N ASN A 221 -14.57 -18.44 -12.73
CA ASN A 221 -15.38 -17.63 -13.62
C ASN A 221 -15.65 -16.33 -12.92
N PRO A 222 -15.24 -15.21 -13.53
CA PRO A 222 -14.51 -15.12 -14.78
C PRO A 222 -13.09 -15.68 -14.68
N SER A 223 -12.51 -15.96 -15.83
CA SER A 223 -11.10 -16.31 -15.93
C SER A 223 -10.41 -15.42 -16.92
N ILE A 224 -9.20 -15.00 -16.58
CA ILE A 224 -8.33 -14.32 -17.52
C ILE A 224 -8.12 -15.18 -18.75
N VAL A 225 -7.85 -14.50 -19.86
CA VAL A 225 -7.54 -15.18 -21.12
C VAL A 225 -6.13 -14.83 -21.57
N PRO A 226 -5.53 -15.67 -22.42
CA PRO A 226 -4.15 -15.46 -22.82
C PRO A 226 -3.91 -14.40 -23.85
N ALA A 227 -4.96 -13.96 -24.56
CA ALA A 227 -4.84 -12.99 -25.63
C ALA A 227 -6.22 -12.59 -26.04
N PHE A 228 -6.35 -11.36 -26.50
CA PHE A 228 -7.65 -10.85 -26.97
C PHE A 228 -7.51 -10.34 -28.40
N CYS A 229 -8.32 -10.86 -29.33
CA CYS A 229 -8.31 -10.34 -30.71
C CYS A 229 -9.70 -9.80 -30.99
N GLY A 230 -9.81 -8.48 -31.17
CA GLY A 230 -11.09 -7.83 -31.35
C GLY A 230 -11.63 -8.01 -32.76
N GLU A 231 -12.96 -8.01 -32.90
CA GLU A 231 -13.60 -8.23 -34.22
C GLU A 231 -13.49 -7.01 -35.11
N THR A 232 -13.38 -5.83 -34.53
CA THR A 232 -13.49 -4.58 -35.22
C THR A 232 -12.26 -3.67 -34.86
N ILE A 233 -11.82 -2.83 -35.79
CA ILE A 233 -10.70 -1.96 -35.57
C ILE A 233 -11.22 -0.54 -35.48
N LEU A 234 -10.77 0.16 -34.44
CA LEU A 234 -11.06 1.58 -34.30
C LEU A 234 -9.79 2.45 -34.41
N VAL A 235 -9.99 3.69 -34.86
CA VAL A 235 -8.95 4.66 -34.80
C VAL A 235 -9.52 5.88 -34.17
N ASN A 236 -8.81 6.41 -33.18
CA ASN A 236 -9.28 7.54 -32.42
C ASN A 236 -10.73 7.42 -31.98
N GLY A 237 -11.12 6.24 -31.55
CA GLY A 237 -12.45 6.03 -30.95
C GLY A 237 -13.60 5.80 -31.92
N LYS A 238 -13.34 5.65 -33.22
CA LYS A 238 -14.39 5.30 -34.21
C LYS A 238 -13.97 4.09 -35.00
N VAL A 239 -14.96 3.25 -35.28
CA VAL A 239 -14.79 2.03 -36.04
C VAL A 239 -14.53 2.44 -37.50
N TRP A 240 -13.49 1.87 -38.07
CA TRP A 240 -13.16 1.96 -39.47
C TRP A 240 -13.50 3.34 -40.04
N PRO A 241 -12.84 4.39 -39.52
CA PRO A 241 -13.18 5.74 -39.95
C PRO A 241 -12.53 6.20 -41.25
N TYR A 242 -12.97 7.35 -41.75
CA TYR A 242 -12.29 7.97 -42.90
C TYR A 242 -11.72 9.32 -42.46
N LEU A 243 -10.60 9.70 -43.07
CA LEU A 243 -10.03 11.01 -42.85
C LEU A 243 -9.93 11.71 -44.19
N GLU A 244 -10.61 12.84 -44.36
CA GLU A 244 -10.41 13.67 -45.55
C GLU A 244 -9.13 14.50 -45.42
N VAL A 245 -8.25 14.40 -46.42
CA VAL A 245 -6.95 15.00 -46.43
C VAL A 245 -6.80 15.82 -47.72
N GLU A 246 -5.97 16.86 -47.61
CA GLU A 246 -5.52 17.65 -48.75
C GLU A 246 -4.42 16.89 -49.47
N PRO A 247 -4.19 17.19 -50.78
CA PRO A 247 -3.10 16.56 -51.57
C PRO A 247 -1.74 17.15 -51.24
N ARG A 248 -1.19 16.69 -50.13
CA ARG A 248 0.06 17.24 -49.59
C ARG A 248 0.58 16.29 -48.46
N LYS A 249 1.68 16.67 -47.84
CA LYS A 249 2.30 15.87 -46.81
C LYS A 249 1.64 16.08 -45.45
N TYR A 250 1.37 14.94 -44.79
CA TYR A 250 0.91 14.90 -43.42
C TYR A 250 1.88 14.07 -42.56
N ARG A 251 1.93 14.44 -41.29
CA ARG A 251 2.63 13.69 -40.25
C ARG A 251 1.55 13.00 -39.43
N PHE A 252 1.74 11.70 -39.25
CA PHE A 252 0.85 10.90 -38.37
C PHE A 252 1.67 10.31 -37.25
N ARG A 253 1.13 10.44 -36.04
CA ARG A 253 1.73 9.86 -34.87
C ARG A 253 0.98 8.56 -34.55
N VAL A 254 1.51 7.42 -34.98
CA VAL A 254 0.76 6.15 -35.01
C VAL A 254 1.06 5.38 -33.70
N ILE A 255 0.02 5.13 -32.92
CA ILE A 255 0.15 4.47 -31.61
C ILE A 255 -0.71 3.21 -31.62
N ASN A 256 -0.10 2.04 -31.32
CA ASN A 256 -0.86 0.81 -31.07
C ASN A 256 -1.29 0.72 -29.62
N ALA A 257 -2.55 1.10 -29.37
CA ALA A 257 -3.15 1.10 -28.04
C ALA A 257 -4.05 -0.10 -27.80
N SER A 258 -3.85 -1.18 -28.59
CA SER A 258 -4.58 -2.42 -28.48
C SER A 258 -4.02 -3.35 -27.40
N ASN A 259 -4.87 -4.20 -26.84
CA ASN A 259 -4.44 -5.10 -25.79
C ASN A 259 -3.40 -6.14 -26.23
N THR A 260 -3.69 -6.81 -27.33
CA THR A 260 -2.88 -7.92 -27.82
C THR A 260 -2.44 -7.74 -29.28
N ARG A 261 -3.35 -7.26 -30.11
CA ARG A 261 -3.16 -7.28 -31.58
C ARG A 261 -1.96 -6.50 -32.09
N THR A 262 -1.21 -7.15 -33.01
CA THR A 262 -0.18 -6.55 -33.82
C THR A 262 -0.74 -6.27 -35.21
N TYR A 263 -0.41 -5.10 -35.74
CA TYR A 263 -0.85 -4.68 -37.06
C TYR A 263 0.35 -4.78 -37.99
N ASN A 264 0.12 -5.10 -39.25
CA ASN A 264 1.16 -4.88 -40.26
C ASN A 264 0.55 -4.03 -41.34
N LEU A 265 0.98 -2.77 -41.41
CA LEU A 265 0.24 -1.73 -42.09
C LEU A 265 0.81 -1.46 -43.48
N SER A 266 -0.06 -1.18 -44.43
CA SER A 266 0.33 -0.73 -45.78
C SER A 266 -0.77 0.19 -46.33
N LEU A 267 -0.43 0.88 -47.41
CA LEU A 267 -1.41 1.67 -48.12
C LEU A 267 -1.92 0.89 -49.37
N ASP A 268 -3.22 0.77 -49.58
CA ASP A 268 -3.71 -0.11 -50.64
C ASP A 268 -3.49 0.41 -52.06
N ASN A 269 -2.97 1.63 -52.18
CA ASN A 269 -2.62 2.19 -53.48
C ASN A 269 -1.15 2.05 -53.84
N GLY A 270 -0.42 1.30 -53.03
CA GLY A 270 1.03 1.14 -53.20
C GLY A 270 1.87 2.32 -52.73
N GLY A 271 1.25 3.32 -52.10
CA GLY A 271 2.06 4.45 -51.63
C GLY A 271 2.97 3.96 -50.50
N ASP A 272 3.97 4.76 -50.19
CA ASP A 272 4.97 4.44 -49.13
C ASP A 272 4.72 5.34 -47.92
N PHE A 273 5.15 4.86 -46.76
CA PHE A 273 5.20 5.66 -45.55
C PHE A 273 6.61 6.15 -45.55
N ILE A 274 6.87 7.37 -45.08
CA ILE A 274 8.21 7.76 -44.71
C ILE A 274 8.30 7.76 -43.19
N GLN A 275 8.99 6.80 -42.61
CA GLN A 275 9.18 6.83 -41.13
C GLN A 275 10.26 7.80 -40.76
N ILE A 276 9.91 8.75 -39.88
CA ILE A 276 10.83 9.71 -39.32
C ILE A 276 11.14 9.53 -37.84
N GLY A 277 10.37 8.68 -37.16
CA GLY A 277 10.54 8.49 -35.71
C GLY A 277 10.02 7.15 -35.21
N SER A 278 10.64 6.72 -34.10
CA SER A 278 10.32 5.50 -33.41
C SER A 278 9.92 5.91 -31.98
N ASP A 279 9.76 4.94 -31.10
CA ASP A 279 9.26 5.23 -29.73
C ASP A 279 10.03 6.36 -29.08
N GLY A 280 11.33 6.29 -29.21
CA GLY A 280 12.20 7.22 -28.51
C GLY A 280 12.64 8.48 -29.22
N GLY A 281 11.99 8.81 -30.33
CA GLY A 281 12.17 10.07 -31.01
C GLY A 281 12.59 9.87 -32.47
N LEU A 282 13.16 10.89 -33.06
CA LEU A 282 13.43 10.83 -34.48
C LEU A 282 14.51 9.80 -34.72
N LEU A 283 14.36 9.09 -35.84
CA LEU A 283 15.39 8.19 -36.30
C LEU A 283 16.57 9.00 -36.76
N PRO A 284 17.74 8.36 -36.85
CA PRO A 284 18.86 9.13 -37.42
C PRO A 284 18.63 9.52 -38.89
N ARG A 285 18.07 8.61 -39.65
CA ARG A 285 17.70 8.85 -41.03
C ARG A 285 16.28 8.36 -41.28
N SER A 286 15.55 9.06 -42.13
CA SER A 286 14.20 8.63 -42.49
C SER A 286 14.27 7.34 -43.30
N VAL A 287 13.19 6.56 -43.25
CA VAL A 287 13.09 5.25 -43.90
C VAL A 287 11.81 5.18 -44.75
N LYS A 288 12.00 4.91 -46.04
CA LYS A 288 10.88 4.71 -46.94
C LYS A 288 10.42 3.27 -46.79
N LEU A 289 9.15 3.11 -46.47
CA LEU A 289 8.60 1.80 -46.18
C LEU A 289 7.32 1.53 -46.94
N ASN A 290 7.19 0.33 -47.47
CA ASN A 290 5.96 -0.11 -48.09
C ASN A 290 5.00 -0.67 -47.03
N SER A 291 5.55 -1.25 -45.97
CA SER A 291 4.75 -1.80 -44.85
C SER A 291 5.57 -1.69 -43.53
N PHE A 292 4.90 -1.75 -42.40
CA PHE A 292 5.62 -1.93 -41.13
C PHE A 292 4.76 -2.67 -40.09
N SER A 293 5.44 -3.39 -39.19
CA SER A 293 4.80 -4.11 -38.11
C SER A 293 4.62 -3.12 -36.91
N LEU A 294 3.48 -3.17 -36.23
CA LEU A 294 3.28 -2.30 -35.06
C LEU A 294 2.60 -3.12 -33.99
N ALA A 295 3.39 -3.56 -33.00
CA ALA A 295 2.91 -4.33 -31.87
C ALA A 295 2.31 -3.42 -30.77
N PRO A 296 1.63 -3.99 -29.76
CA PRO A 296 1.13 -3.17 -28.70
C PRO A 296 2.16 -2.24 -28.07
N ALA A 297 1.78 -0.95 -27.97
CA ALA A 297 2.60 0.14 -27.41
C ALA A 297 3.70 0.71 -28.28
N GLU A 298 3.94 0.13 -29.46
CA GLU A 298 4.93 0.70 -30.31
C GLU A 298 4.33 1.95 -30.95
N ARG A 299 5.19 2.91 -31.26
CA ARG A 299 4.83 4.13 -31.95
C ARG A 299 5.68 4.28 -33.20
N TYR A 300 5.01 4.70 -34.28
CA TYR A 300 5.70 5.11 -35.52
C TYR A 300 5.31 6.54 -35.87
N ASP A 301 6.31 7.39 -36.02
CA ASP A 301 6.08 8.77 -36.44
C ASP A 301 6.39 8.75 -37.96
N ILE A 302 5.35 9.00 -38.79
CA ILE A 302 5.43 8.79 -40.24
C ILE A 302 4.96 10.04 -40.97
N ILE A 303 5.50 10.24 -42.17
CA ILE A 303 4.95 11.18 -43.13
C ILE A 303 4.28 10.35 -44.25
N ILE A 304 3.05 10.70 -44.60
CA ILE A 304 2.46 10.20 -45.83
C ILE A 304 2.31 11.41 -46.73
N ASP A 305 2.72 11.25 -48.01
CA ASP A 305 2.66 12.32 -48.99
C ASP A 305 1.48 12.04 -49.94
N PHE A 306 0.40 12.78 -49.78
CA PHE A 306 -0.76 12.58 -50.62
C PHE A 306 -0.73 13.45 -51.91
N THR A 307 0.36 14.20 -52.10
CA THR A 307 0.46 15.14 -53.22
C THR A 307 0.06 14.50 -54.56
N ALA A 308 0.49 13.28 -54.82
CA ALA A 308 0.22 12.68 -56.12
C ALA A 308 -1.07 11.85 -56.17
N TYR A 309 -1.94 11.96 -55.15
CA TYR A 309 -3.09 11.09 -55.04
C TYR A 309 -4.36 11.88 -54.95
N GLU A 310 -4.37 13.07 -55.53
CA GLU A 310 -5.57 13.91 -55.49
C GLU A 310 -6.79 13.11 -55.92
N GLY A 311 -7.90 13.24 -55.20
CA GLY A 311 -9.11 12.52 -55.56
C GLY A 311 -9.15 11.08 -55.07
N GLU A 312 -8.03 10.52 -54.64
CA GLU A 312 -8.02 9.08 -54.34
C GLU A 312 -8.61 8.76 -52.98
N SER A 313 -9.12 7.54 -52.86
CA SER A 313 -9.48 6.95 -51.61
C SER A 313 -8.45 5.87 -51.41
N ILE A 314 -7.84 5.83 -50.21
CA ILE A 314 -6.67 4.99 -49.93
C ILE A 314 -6.93 4.31 -48.57
N ILE A 315 -6.95 2.98 -48.57
CA ILE A 315 -7.13 2.19 -47.36
C ILE A 315 -5.76 1.99 -46.67
N LEU A 316 -5.75 2.31 -45.36
CA LEU A 316 -4.72 1.88 -44.47
C LEU A 316 -5.10 0.46 -44.08
N ALA A 317 -4.41 -0.48 -44.72
CA ALA A 317 -4.69 -1.93 -44.64
C ALA A 317 -3.79 -2.64 -43.63
N ASN A 318 -4.26 -3.78 -43.15
CA ASN A 318 -3.57 -4.61 -42.19
C ASN A 318 -3.49 -6.01 -42.71
N SER A 319 -2.29 -6.59 -42.67
CA SER A 319 -2.14 -7.97 -43.08
C SER A 319 -1.84 -8.95 -41.94
N ALA A 320 -1.59 -8.46 -40.73
CA ALA A 320 -1.24 -9.35 -39.64
C ALA A 320 -2.46 -10.05 -39.06
N GLY A 321 -2.38 -11.37 -38.90
CA GLY A 321 -3.46 -12.08 -38.25
C GLY A 321 -3.42 -11.94 -36.73
N CYS A 322 -4.55 -12.18 -36.09
CA CYS A 322 -4.64 -12.19 -34.62
C CYS A 322 -5.56 -13.39 -34.33
N GLY A 323 -5.01 -14.48 -33.85
CA GLY A 323 -5.78 -15.70 -33.66
C GLY A 323 -6.34 -16.27 -34.97
N GLY A 324 -5.67 -16.03 -36.09
CA GLY A 324 -6.08 -16.53 -37.41
C GLY A 324 -5.77 -15.48 -38.47
N ASP A 325 -5.99 -15.81 -39.76
CA ASP A 325 -5.73 -14.87 -40.86
C ASP A 325 -6.69 -13.69 -40.83
N VAL A 326 -6.27 -12.55 -41.36
CA VAL A 326 -7.17 -11.42 -41.44
C VAL A 326 -8.32 -11.69 -42.40
N ASN A 327 -9.46 -11.17 -42.01
CA ASN A 327 -10.65 -11.17 -42.84
C ASN A 327 -10.65 -9.89 -43.67
N PRO A 328 -10.63 -10.01 -45.00
CA PRO A 328 -10.62 -8.83 -45.89
C PRO A 328 -11.75 -7.84 -45.68
N GLU A 329 -12.89 -8.26 -45.14
CA GLU A 329 -13.99 -7.34 -44.90
C GLU A 329 -13.96 -6.67 -43.51
N THR A 330 -13.08 -7.14 -42.63
CA THR A 330 -13.05 -6.60 -41.25
C THR A 330 -11.62 -6.18 -40.87
N ASP A 331 -10.89 -7.03 -40.16
CA ASP A 331 -9.64 -6.62 -39.54
C ASP A 331 -8.50 -6.46 -40.55
N ALA A 332 -8.76 -6.74 -41.83
CA ALA A 332 -7.79 -6.32 -42.85
C ALA A 332 -7.80 -4.82 -43.09
N ASN A 333 -8.80 -4.13 -42.54
CA ASN A 333 -8.95 -2.70 -42.68
C ASN A 333 -8.72 -1.96 -41.39
N ILE A 334 -8.14 -0.78 -41.52
CA ILE A 334 -7.95 0.11 -40.39
C ILE A 334 -8.75 1.37 -40.56
N MET A 335 -8.38 2.16 -41.56
CA MET A 335 -9.15 3.35 -41.89
C MET A 335 -8.92 3.73 -43.34
N GLN A 336 -9.59 4.80 -43.80
CA GLN A 336 -9.52 5.24 -45.21
C GLN A 336 -9.15 6.71 -45.30
N PHE A 337 -8.14 7.02 -46.09
CA PHE A 337 -7.80 8.39 -46.41
C PHE A 337 -8.54 8.77 -47.73
N ARG A 338 -9.23 9.91 -47.70
CA ARG A 338 -9.89 10.53 -48.88
C ARG A 338 -9.23 11.82 -49.26
N VAL A 339 -8.50 11.80 -50.39
CA VAL A 339 -7.71 12.97 -50.74
C VAL A 339 -8.58 13.95 -51.53
N THR A 340 -9.59 14.46 -50.87
CA THR A 340 -10.61 15.26 -51.50
C THR A 340 -10.79 16.62 -50.89
N LYS A 341 -9.96 16.96 -49.91
CA LYS A 341 -10.02 18.26 -49.31
C LYS A 341 -9.22 19.22 -50.19
N PRO A 342 -9.82 20.39 -50.55
CA PRO A 342 -9.04 21.29 -51.39
C PRO A 342 -7.79 21.79 -50.66
N LEU A 343 -6.67 21.86 -51.36
CA LEU A 343 -5.42 22.37 -50.77
C LEU A 343 -5.65 23.80 -50.26
N ALA A 344 -5.44 24.04 -48.98
CA ALA A 344 -5.79 25.31 -48.38
C ALA A 344 -4.66 26.39 -48.49
N GLN A 345 -3.43 25.96 -48.62
CA GLN A 345 -2.26 26.83 -48.77
C GLN A 345 -1.20 25.92 -49.36
N LYS A 346 -0.21 26.50 -50.01
CA LYS A 346 0.91 25.75 -50.53
C LYS A 346 1.57 24.94 -49.40
N ASP A 347 1.98 23.73 -49.72
CA ASP A 347 2.66 22.83 -48.77
C ASP A 347 4.10 23.26 -48.63
N GLU A 348 4.43 23.93 -47.55
CA GLU A 348 5.84 24.32 -47.28
C GLU A 348 6.55 23.32 -46.37
N SER A 349 5.91 22.21 -46.02
CA SER A 349 6.60 21.18 -45.20
C SER A 349 7.62 20.38 -46.03
N ARG A 350 8.54 19.70 -45.33
CA ARG A 350 9.59 18.91 -45.95
C ARG A 350 9.64 17.53 -45.32
N LYS A 351 10.36 16.62 -45.97
CA LYS A 351 10.56 15.29 -45.46
C LYS A 351 12.05 14.97 -45.55
N PRO A 352 12.87 15.61 -44.71
CA PRO A 352 14.32 15.44 -44.78
C PRO A 352 14.71 14.01 -44.45
N LYS A 353 15.66 13.50 -45.22
CA LYS A 353 16.28 12.20 -44.99
C LYS A 353 17.15 12.21 -43.73
N TYR A 354 17.90 13.28 -43.53
CA TYR A 354 18.88 13.36 -42.46
C TYR A 354 18.31 14.08 -41.28
N LEU A 355 17.93 13.30 -40.28
CA LEU A 355 17.08 13.84 -39.20
C LEU A 355 17.81 14.17 -37.91
N ALA A 356 18.66 13.27 -37.47
CA ALA A 356 19.31 13.43 -36.15
C ALA A 356 20.65 12.70 -36.11
N SER A 357 21.50 13.12 -35.19
CA SER A 357 22.79 12.48 -34.98
C SER A 357 22.90 11.95 -33.55
N TYR A 358 23.15 10.65 -33.45
CA TYR A 358 23.31 9.99 -32.15
C TYR A 358 24.64 9.21 -32.19
N PRO A 359 25.64 9.63 -31.38
CA PRO A 359 27.06 9.22 -31.50
C PRO A 359 27.37 7.89 -32.21
N GLU A 364 27.75 3.72 -24.12
CA GLU A 364 28.83 3.33 -25.03
C GLU A 364 29.64 2.15 -24.46
N ARG A 365 30.23 2.34 -23.30
CA ARG A 365 30.93 1.23 -22.63
C ARG A 365 29.92 0.37 -21.87
N ILE A 366 29.99 -0.95 -22.02
CA ILE A 366 29.01 -1.82 -21.42
C ILE A 366 29.53 -2.23 -20.06
N GLN A 367 28.75 -1.99 -19.00
CA GLN A 367 29.15 -2.33 -17.62
C GLN A 367 28.69 -3.69 -17.16
N ASN A 368 27.67 -4.24 -17.81
CA ASN A 368 27.10 -5.48 -17.37
C ASN A 368 26.24 -6.04 -18.49
N ILE A 369 26.09 -7.35 -18.51
CA ILE A 369 25.24 -7.98 -19.48
C ILE A 369 24.25 -8.83 -18.71
N ARG A 370 23.05 -9.00 -19.26
CA ARG A 370 22.02 -9.65 -18.54
C ARG A 370 21.29 -10.58 -19.49
N THR A 371 21.07 -11.82 -19.08
CA THR A 371 20.35 -12.81 -19.87
C THR A 371 19.00 -13.03 -19.26
N LEU A 372 17.96 -12.93 -20.09
CA LEU A 372 16.59 -13.00 -19.60
C LEU A 372 15.79 -13.90 -20.52
N LYS A 373 15.15 -14.89 -19.92
CA LYS A 373 14.44 -15.90 -20.66
C LYS A 373 12.95 -15.61 -20.51
N LEU A 374 12.23 -15.61 -21.61
CA LEU A 374 10.76 -15.56 -21.59
C LEU A 374 10.25 -16.98 -21.36
N ALA A 375 9.63 -17.17 -20.22
CA ALA A 375 9.28 -18.47 -19.71
C ALA A 375 7.78 -18.54 -19.46
N GLY A 376 7.33 -19.78 -19.21
CA GLY A 376 5.94 -20.11 -18.88
C GLY A 376 5.88 -21.12 -17.72
N THR A 377 4.73 -21.16 -17.06
CA THR A 377 4.37 -22.23 -16.14
C THR A 377 2.85 -22.44 -16.29
N GLN A 378 2.28 -23.34 -15.52
CA GLN A 378 0.83 -23.53 -15.49
C GLN A 378 0.42 -23.29 -14.06
N ASP A 379 -0.77 -22.73 -13.87
CA ASP A 379 -1.25 -22.47 -12.53
C ASP A 379 -2.04 -23.67 -12.05
N GLU A 380 -2.54 -23.60 -10.83
CA GLU A 380 -3.25 -24.73 -10.24
C GLU A 380 -4.48 -25.15 -11.03
N TYR A 381 -5.00 -24.28 -11.91
CA TYR A 381 -6.18 -24.58 -12.68
C TYR A 381 -5.83 -25.03 -14.06
N GLY A 382 -4.53 -25.22 -14.34
CA GLY A 382 -4.12 -25.56 -15.70
C GLY A 382 -3.95 -24.46 -16.73
N ARG A 383 -4.07 -23.21 -16.32
CA ARG A 383 -3.96 -22.09 -17.28
C ARG A 383 -2.51 -21.72 -17.44
N PRO A 384 -2.12 -21.26 -18.63
CA PRO A 384 -0.78 -20.77 -18.85
C PRO A 384 -0.51 -19.44 -18.11
N VAL A 385 0.64 -19.37 -17.46
CA VAL A 385 1.13 -18.13 -16.85
C VAL A 385 2.42 -17.78 -17.54
N LEU A 386 2.51 -16.56 -18.04
CA LEU A 386 3.71 -16.08 -18.70
C LEU A 386 4.64 -15.37 -17.73
N LEU A 387 5.93 -15.68 -17.80
CA LEU A 387 6.89 -15.14 -16.82
C LEU A 387 8.15 -14.57 -17.46
N LEU A 388 8.74 -13.59 -16.79
CA LEU A 388 10.04 -13.02 -17.15
C LEU A 388 11.13 -13.68 -16.26
N ASN A 389 12.02 -14.40 -16.93
CA ASN A 389 13.13 -15.09 -16.28
C ASN A 389 12.70 -16.07 -15.17
N ASN A 390 11.53 -16.67 -15.37
CA ASN A 390 10.90 -17.65 -14.49
C ASN A 390 10.63 -17.09 -13.09
N LYS A 391 10.47 -15.78 -12.99
CA LYS A 391 10.10 -15.19 -11.72
C LYS A 391 8.67 -14.62 -11.81
N ARG A 392 8.05 -14.43 -10.64
CA ARG A 392 6.76 -13.78 -10.49
C ARG A 392 6.92 -12.32 -10.08
N TRP A 393 5.90 -11.53 -10.40
CA TRP A 393 5.83 -10.10 -10.11
C TRP A 393 6.27 -9.85 -8.67
N HIS A 394 5.78 -10.67 -7.72
CA HIS A 394 6.08 -10.40 -6.32
C HIS A 394 7.33 -11.05 -5.76
N ASP A 395 8.13 -11.70 -6.59
CA ASP A 395 9.42 -12.17 -6.16
C ASP A 395 10.34 -10.97 -5.90
N PRO A 396 11.30 -11.12 -4.98
CA PRO A 396 12.28 -10.06 -4.82
C PRO A 396 12.89 -9.62 -6.14
N VAL A 397 13.19 -8.33 -6.23
CA VAL A 397 13.66 -7.74 -7.47
C VAL A 397 15.01 -8.33 -7.88
N THR A 398 15.20 -8.56 -9.18
CA THR A 398 16.42 -9.14 -9.72
C THR A 398 17.07 -8.26 -10.77
N GLU A 399 16.27 -7.45 -11.48
CA GLU A 399 16.83 -6.54 -12.47
C GLU A 399 17.17 -5.27 -11.76
N THR A 400 18.45 -5.17 -11.39
CA THR A 400 18.88 -4.10 -10.52
C THR A 400 20.10 -3.40 -11.09
N PRO A 401 20.00 -2.82 -12.30
CA PRO A 401 21.09 -2.08 -12.89
C PRO A 401 21.44 -0.81 -12.10
N LYS A 402 22.72 -0.46 -12.09
CA LYS A 402 23.15 0.77 -11.41
C LYS A 402 22.95 1.98 -12.28
N VAL A 403 22.61 3.07 -11.62
CA VAL A 403 22.30 4.34 -12.28
C VAL A 403 23.48 4.80 -13.09
N GLY A 404 23.24 5.31 -14.28
CA GLY A 404 24.31 5.82 -15.14
C GLY A 404 25.02 4.74 -15.93
N THR A 405 24.72 3.45 -15.70
CA THR A 405 25.48 2.38 -16.39
C THR A 405 24.72 1.90 -17.60
N THR A 406 25.47 1.28 -18.51
CA THR A 406 24.90 0.66 -19.69
C THR A 406 24.99 -0.86 -19.63
N GLU A 407 23.87 -1.53 -19.90
CA GLU A 407 23.82 -2.96 -20.01
C GLU A 407 23.35 -3.45 -21.39
N ILE A 408 23.74 -4.67 -21.71
CA ILE A 408 23.13 -5.40 -22.79
C ILE A 408 22.22 -6.42 -22.14
N TRP A 409 20.95 -6.37 -22.51
CA TRP A 409 19.99 -7.39 -22.15
C TRP A 409 19.84 -8.34 -23.33
N SER A 410 20.13 -9.61 -23.10
CA SER A 410 19.82 -10.66 -24.08
C SER A 410 18.55 -11.31 -23.67
N ILE A 411 17.53 -11.10 -24.50
CA ILE A 411 16.21 -11.60 -24.26
C ILE A 411 16.02 -12.81 -25.14
N ILE A 412 15.94 -13.94 -24.48
CA ILE A 412 15.76 -15.23 -25.15
C ILE A 412 14.29 -15.59 -25.17
N ASN A 413 13.75 -15.83 -26.36
CA ASN A 413 12.34 -16.22 -26.47
C ASN A 413 12.16 -17.63 -27.07
N PRO A 414 11.96 -18.63 -26.21
CA PRO A 414 11.63 -20.00 -26.68
C PRO A 414 10.14 -20.31 -26.83
N THR A 415 9.28 -19.30 -26.65
CA THR A 415 7.84 -19.52 -26.70
C THR A 415 7.45 -19.54 -28.18
N ARG A 416 6.17 -19.81 -28.45
CA ARG A 416 5.71 -19.87 -29.83
C ARG A 416 5.35 -18.50 -30.44
N GLY A 417 5.29 -17.47 -29.61
CA GLY A 417 4.84 -16.15 -30.11
C GLY A 417 5.81 -15.01 -29.85
N THR A 418 5.51 -13.88 -30.47
CA THR A 418 6.23 -12.66 -30.27
C THR A 418 5.73 -11.96 -29.00
N HIS A 419 6.67 -11.42 -28.23
CA HIS A 419 6.35 -10.56 -27.08
C HIS A 419 6.98 -9.17 -27.25
N PRO A 420 6.15 -8.09 -27.21
CA PRO A 420 6.63 -6.74 -27.19
C PRO A 420 7.07 -6.33 -25.79
N ILE A 421 8.36 -6.37 -25.58
CA ILE A 421 8.97 -6.06 -24.30
C ILE A 421 9.21 -4.55 -24.14
N HIS A 422 8.73 -4.03 -23.04
CA HIS A 422 8.83 -2.61 -22.67
C HIS A 422 9.58 -2.45 -21.36
N LEU A 423 10.53 -1.53 -21.35
CA LEU A 423 11.20 -1.11 -20.16
C LEU A 423 10.73 0.30 -19.86
N HIS A 424 10.33 0.52 -18.62
CA HIS A 424 10.07 1.90 -18.23
C HIS A 424 11.31 2.73 -18.15
N LEU A 425 11.09 4.04 -17.99
CA LEU A 425 12.11 5.13 -17.89
C LEU A 425 13.01 5.38 -19.12
N VAL A 426 13.63 4.34 -19.61
CA VAL A 426 14.67 4.45 -20.62
C VAL A 426 14.20 4.25 -22.04
N SER A 427 15.00 4.71 -22.98
CA SER A 427 14.95 4.17 -24.31
C SER A 427 16.26 3.43 -24.55
N PHE A 428 16.29 2.55 -25.53
CA PHE A 428 17.46 1.68 -25.76
C PHE A 428 17.68 1.46 -27.23
N ARG A 429 18.82 0.85 -27.56
CA ARG A 429 19.16 0.60 -28.96
C ARG A 429 19.12 -0.91 -29.22
N VAL A 430 18.75 -1.30 -30.42
CA VAL A 430 18.70 -2.73 -30.76
C VAL A 430 20.05 -3.10 -31.35
N LEU A 431 20.59 -4.23 -30.92
CA LEU A 431 21.88 -4.73 -31.40
C LEU A 431 21.70 -5.76 -32.47
N ASP A 432 20.95 -6.82 -32.16
CA ASP A 432 20.66 -7.84 -33.15
C ASP A 432 19.65 -8.80 -32.67
N ARG A 433 19.16 -9.63 -33.57
CA ARG A 433 18.35 -10.77 -33.25
C ARG A 433 19.05 -11.98 -33.88
N ARG A 434 18.83 -13.16 -33.30
CA ARG A 434 19.43 -14.38 -33.82
C ARG A 434 18.60 -15.61 -33.47
N PRO A 435 18.34 -16.48 -34.47
CA PRO A 435 17.48 -17.62 -34.23
C PRO A 435 18.25 -18.74 -33.56
N PHE A 436 17.57 -19.49 -32.72
CA PHE A 436 18.22 -20.56 -31.97
C PHE A 436 17.30 -21.76 -32.00
N ASP A 437 17.85 -22.93 -31.65
CA ASP A 437 17.09 -24.16 -31.62
C ASP A 437 16.36 -24.22 -30.30
N ILE A 438 15.03 -24.15 -30.37
CA ILE A 438 14.21 -24.10 -29.18
C ILE A 438 14.32 -25.39 -28.37
N ALA A 439 14.14 -26.54 -29.03
CA ALA A 439 14.16 -27.85 -28.31
C ALA A 439 15.46 -28.05 -27.53
N ARG A 440 16.58 -27.86 -28.21
CA ARG A 440 17.89 -27.93 -27.59
C ARG A 440 17.90 -27.06 -26.35
N TYR A 441 17.58 -25.78 -26.53
CA TYR A 441 17.57 -24.85 -25.40
C TYR A 441 16.67 -25.35 -24.27
N GLN A 442 15.50 -25.87 -24.62
CA GLN A 442 14.52 -26.28 -23.62
C GLN A 442 14.97 -27.47 -22.78
N GLU A 443 15.64 -28.44 -23.40
CA GLU A 443 16.17 -29.58 -22.63
C GLU A 443 17.44 -29.21 -21.85
N SER A 444 18.40 -28.57 -22.52
CA SER A 444 19.72 -28.37 -21.94
C SER A 444 19.90 -27.00 -21.26
N GLY A 445 19.16 -25.99 -21.73
CA GLY A 445 19.46 -24.61 -21.36
C GLY A 445 20.64 -24.02 -22.12
N GLU A 446 21.10 -24.72 -23.17
CA GLU A 446 22.21 -24.22 -23.96
C GLU A 446 21.74 -23.58 -25.26
N LEU A 447 22.38 -22.48 -25.59
CA LEU A 447 22.03 -21.70 -26.74
C LEU A 447 22.77 -22.29 -27.92
N SER A 448 22.05 -22.70 -28.94
CA SER A 448 22.64 -23.13 -30.20
C SER A 448 21.93 -22.45 -31.36
N TYR A 449 22.69 -21.74 -32.19
CA TYR A 449 22.14 -20.87 -33.22
C TYR A 449 21.87 -21.59 -34.53
N THR A 450 20.74 -21.25 -35.16
CA THR A 450 20.32 -21.91 -36.37
C THR A 450 20.58 -21.03 -37.58
N GLY A 451 21.35 -19.95 -37.40
CA GLY A 451 21.57 -18.98 -38.47
C GLY A 451 22.36 -17.76 -38.02
N PRO A 452 22.72 -16.86 -38.95
CA PRO A 452 23.53 -15.71 -38.54
C PRO A 452 22.69 -14.63 -37.81
N ALA A 453 23.37 -13.74 -37.09
CA ALA A 453 22.76 -12.52 -36.53
C ALA A 453 22.13 -11.64 -37.59
N VAL A 454 20.93 -11.17 -37.29
CA VAL A 454 20.23 -10.20 -38.10
C VAL A 454 20.36 -8.84 -37.45
N PRO A 455 21.08 -7.93 -38.09
CA PRO A 455 21.22 -6.61 -37.46
C PRO A 455 19.89 -5.85 -37.60
N PRO A 456 19.69 -4.78 -36.83
CA PRO A 456 18.34 -4.17 -36.83
C PRO A 456 18.04 -3.48 -38.17
N PRO A 457 16.80 -3.56 -38.66
CA PRO A 457 16.52 -2.72 -39.82
C PRO A 457 16.58 -1.22 -39.52
N PRO A 458 16.59 -0.40 -40.58
CA PRO A 458 16.68 1.04 -40.40
C PRO A 458 15.63 1.61 -39.43
N SER A 459 14.44 1.03 -39.40
CA SER A 459 13.37 1.44 -38.44
C SER A 459 13.78 1.31 -36.97
N GLU A 460 14.74 0.43 -36.71
CA GLU A 460 15.20 0.16 -35.35
C GLU A 460 16.63 0.57 -35.09
N LYS A 461 17.13 1.51 -35.88
CA LYS A 461 18.46 2.06 -35.68
C LYS A 461 18.44 3.30 -34.80
N GLY A 462 17.27 3.74 -34.35
CA GLY A 462 17.23 4.83 -33.39
C GLY A 462 16.92 4.26 -32.03
N TRP A 463 15.97 4.91 -31.33
CA TRP A 463 15.70 4.64 -29.93
C TRP A 463 14.31 4.04 -29.77
N LYS A 464 14.25 2.92 -29.06
CA LYS A 464 13.03 2.18 -28.85
C LYS A 464 12.74 2.08 -27.35
N ASP A 465 11.48 1.89 -26.98
CA ASP A 465 11.15 1.55 -25.61
C ASP A 465 10.31 0.29 -25.53
N THR A 466 9.77 -0.14 -26.67
CA THR A 466 8.94 -1.32 -26.74
C THR A 466 9.44 -2.10 -27.96
N ILE A 467 9.81 -3.38 -27.79
CA ILE A 467 10.55 -4.09 -28.86
C ILE A 467 10.08 -5.50 -29.04
N GLN A 468 9.83 -5.87 -30.30
CA GLN A 468 9.34 -7.20 -30.61
C GLN A 468 10.44 -8.27 -30.46
N ALA A 469 10.25 -9.17 -29.51
CA ALA A 469 11.13 -10.32 -29.28
C ALA A 469 10.44 -11.50 -29.92
N HIS A 470 10.89 -11.82 -31.15
CA HIS A 470 10.27 -12.89 -31.94
C HIS A 470 10.51 -14.30 -31.39
N ALA A 471 9.57 -15.22 -31.67
CA ALA A 471 9.72 -16.62 -31.29
C ALA A 471 10.98 -17.22 -31.91
N GLY A 472 11.63 -18.02 -31.08
CA GLY A 472 12.83 -18.73 -31.46
C GLY A 472 14.01 -17.90 -31.78
N GLU A 473 14.09 -16.69 -31.19
CA GLU A 473 15.22 -15.80 -31.41
C GLU A 473 15.70 -15.19 -30.09
N VAL A 474 16.98 -14.86 -30.07
CA VAL A 474 17.61 -14.06 -29.03
C VAL A 474 17.68 -12.63 -29.54
N LEU A 475 17.06 -11.71 -28.81
CA LEU A 475 17.10 -10.28 -29.11
C LEU A 475 18.05 -9.64 -28.12
N ARG A 476 19.00 -8.87 -28.61
CA ARG A 476 19.88 -8.11 -27.72
C ARG A 476 19.62 -6.65 -27.84
N ILE A 477 19.44 -5.98 -26.67
CA ILE A 477 19.28 -4.54 -26.65
C ILE A 477 20.32 -3.94 -25.74
N ALA A 478 20.68 -2.68 -25.97
CA ALA A 478 21.58 -1.91 -25.13
C ALA A 478 20.90 -0.67 -24.51
N ALA A 479 20.82 -0.61 -23.19
CA ALA A 479 20.20 0.53 -22.50
C ALA A 479 21.09 1.18 -21.44
N THR A 480 21.07 2.50 -21.38
CA THR A 480 21.69 3.25 -20.29
C THR A 480 20.64 3.62 -19.25
N PHE A 481 20.86 3.17 -18.02
CA PHE A 481 19.84 3.24 -17.00
C PHE A 481 19.90 4.50 -16.17
N GLY A 482 19.04 5.44 -16.51
CA GLY A 482 18.99 6.76 -15.86
C GLY A 482 18.05 7.64 -16.67
N PRO A 483 18.00 8.96 -16.39
CA PRO A 483 18.90 9.67 -15.47
C PRO A 483 18.56 9.42 -14.02
N TYR A 484 17.34 8.96 -13.71
CA TYR A 484 16.88 8.83 -12.34
C TYR A 484 17.11 7.46 -11.80
N SER A 485 17.18 7.37 -10.50
CA SER A 485 17.21 6.07 -9.84
C SER A 485 15.91 5.85 -9.16
N GLY A 486 15.60 4.60 -8.82
CA GLY A 486 14.40 4.29 -8.10
C GLY A 486 13.78 3.03 -8.67
N ARG A 487 12.53 2.83 -8.29
CA ARG A 487 11.82 1.59 -8.53
C ARG A 487 10.91 1.77 -9.73
N TYR A 488 11.19 1.02 -10.79
CA TYR A 488 10.41 1.05 -12.04
C TYR A 488 9.95 -0.40 -12.38
N VAL A 489 9.48 -0.68 -13.59
CA VAL A 489 9.10 -2.02 -14.01
C VAL A 489 9.54 -2.25 -15.43
N TRP A 490 9.48 -3.51 -15.81
CA TRP A 490 9.62 -3.90 -17.22
C TRP A 490 8.70 -5.09 -17.42
N HIS A 491 8.20 -5.26 -18.63
CA HIS A 491 7.16 -6.21 -18.88
C HIS A 491 6.87 -6.37 -20.39
N CYS A 492 6.20 -7.46 -20.69
CA CYS A 492 5.56 -7.62 -21.99
C CYS A 492 4.35 -6.70 -22.03
N HIS A 493 4.14 -6.05 -23.19
CA HIS A 493 3.03 -5.09 -23.36
C HIS A 493 1.81 -5.65 -24.05
N ILE A 494 1.75 -6.99 -24.25
CA ILE A 494 0.47 -7.66 -24.45
C ILE A 494 -0.21 -7.69 -23.09
N LEU A 495 -1.33 -6.99 -22.95
CA LEU A 495 -1.80 -6.72 -21.60
C LEU A 495 -2.29 -7.96 -20.90
N GLU A 496 -2.83 -8.91 -21.67
CA GLU A 496 -3.18 -10.20 -21.15
C GLU A 496 -1.97 -10.99 -20.57
N HIS A 497 -0.79 -10.72 -21.08
CA HIS A 497 0.43 -11.36 -20.53
C HIS A 497 0.97 -10.60 -19.32
N GLU A 498 1.06 -9.29 -19.48
CA GLU A 498 1.41 -8.35 -18.41
C GLU A 498 0.68 -8.69 -17.11
N ASP A 499 -0.62 -8.93 -17.16
CA ASP A 499 -1.43 -9.08 -15.94
C ASP A 499 -1.26 -10.46 -15.30
N TYR A 500 -0.64 -11.41 -16.03
CA TYR A 500 -0.51 -12.80 -15.53
C TYR A 500 0.55 -13.56 -16.30
N ASP A 501 1.82 -13.38 -15.96
CA ASP A 501 2.29 -12.50 -14.90
C ASP A 501 3.62 -11.94 -15.40
N MET A 502 3.61 -11.46 -16.63
CA MET A 502 4.83 -11.15 -17.36
C MET A 502 5.28 -9.73 -17.13
N MET A 503 5.48 -9.41 -15.84
CA MET A 503 5.93 -8.08 -15.42
C MET A 503 6.80 -8.20 -14.17
N ARG A 504 7.88 -7.47 -14.12
CA ARG A 504 8.81 -7.49 -13.00
C ARG A 504 9.20 -6.08 -12.61
N PRO A 505 9.46 -5.89 -11.32
CA PRO A 505 10.09 -4.63 -10.90
C PRO A 505 11.50 -4.50 -11.48
N MET A 506 11.97 -3.29 -11.58
CA MET A 506 13.34 -2.97 -12.13
C MET A 506 13.82 -1.84 -11.24
N ASP A 507 14.86 -2.08 -10.48
CA ASP A 507 15.38 -1.09 -9.55
C ASP A 507 16.62 -0.51 -10.16
N ILE A 508 16.63 0.79 -10.38
CA ILE A 508 17.85 1.46 -10.81
C ILE A 508 18.50 2.02 -9.53
N THR A 509 19.63 1.45 -9.13
CA THR A 509 20.18 1.70 -7.82
C THR A 509 21.24 2.78 -7.86
N ASP A 510 21.42 3.46 -6.72
CA ASP A 510 22.40 4.54 -6.61
C ASP A 510 23.10 4.52 -5.28
N PRO A 511 24.40 4.18 -5.24
CA PRO A 511 25.19 4.43 -4.03
C PRO A 511 25.84 5.82 -4.05
N THR B 2 -15.76 23.79 29.88
CA THR B 2 -14.57 23.21 29.19
C THR B 2 -14.95 22.70 27.78
N LEU B 3 -14.98 21.38 27.52
CA LEU B 3 -15.03 20.87 26.12
C LEU B 3 -16.32 20.08 25.79
N GLU B 4 -17.10 20.55 24.84
CA GLU B 4 -18.40 19.93 24.52
C GLU B 4 -18.25 18.49 23.96
N LYS B 5 -18.99 17.56 24.50
CA LYS B 5 -18.88 16.18 24.05
C LYS B 5 -19.49 15.90 22.69
N PHE B 6 -18.82 15.01 21.94
CA PHE B 6 -19.41 14.39 20.74
C PHE B 6 -19.67 15.43 19.64
N VAL B 7 -18.67 16.25 19.34
CA VAL B 7 -18.78 17.26 18.26
C VAL B 7 -17.76 17.01 17.15
N ASP B 8 -16.86 16.03 17.33
CA ASP B 8 -15.83 15.66 16.35
C ASP B 8 -15.98 14.18 15.95
N ALA B 9 -15.85 13.91 14.65
CA ALA B 9 -15.98 12.58 14.12
C ALA B 9 -14.74 11.80 14.54
N LEU B 10 -14.95 10.55 14.89
CA LEU B 10 -13.86 9.65 15.23
C LEU B 10 -12.90 9.48 14.08
N PRO B 11 -11.63 9.82 14.27
CA PRO B 11 -10.67 9.49 13.22
C PRO B 11 -10.40 8.00 13.11
N ILE B 12 -10.12 7.55 11.89
CA ILE B 12 -9.66 6.18 11.66
C ILE B 12 -8.21 6.21 11.20
N PRO B 13 -7.28 5.77 12.04
CA PRO B 13 -5.89 5.92 11.57
C PRO B 13 -5.62 5.19 10.25
N ASP B 14 -4.91 5.84 9.38
CA ASP B 14 -4.52 5.21 8.14
C ASP B 14 -3.59 4.07 8.40
N THR B 15 -3.57 3.15 7.43
CA THR B 15 -2.76 1.97 7.49
C THR B 15 -1.41 2.35 6.89
N LEU B 16 -0.37 2.03 7.62
CA LEU B 16 0.99 2.28 7.23
C LEU B 16 1.33 1.58 5.92
N LYS B 17 1.97 2.31 5.06
CA LYS B 17 2.45 1.73 3.79
C LYS B 17 3.91 1.40 3.87
N PRO B 18 4.33 0.30 3.23
CA PRO B 18 5.71 -0.15 3.25
C PRO B 18 6.59 0.73 2.38
N VAL B 19 7.87 0.79 2.69
CA VAL B 19 8.89 1.32 1.81
C VAL B 19 9.16 0.32 0.70
N GLN B 20 9.22 -0.96 1.05
CA GLN B 20 9.48 -2.03 0.06
C GLN B 20 8.77 -3.28 0.51
N GLN B 21 8.18 -4.01 -0.42
CA GLN B 21 7.44 -5.25 -0.07
C GLN B 21 7.62 -6.26 -1.18
N SER B 22 7.96 -7.49 -0.83
CA SER B 22 7.92 -8.61 -1.78
C SER B 22 7.29 -9.78 -1.05
N LYS B 23 7.21 -10.92 -1.74
CA LYS B 23 6.86 -12.17 -1.09
C LYS B 23 7.73 -12.53 0.10
N GLU B 24 8.98 -12.14 0.06
CA GLU B 24 9.94 -12.59 1.07
C GLU B 24 10.06 -11.65 2.27
N LYS B 25 9.71 -10.38 2.11
CA LYS B 25 9.70 -9.49 3.26
C LYS B 25 9.00 -8.18 3.00
N THR B 26 8.53 -7.58 4.09
CA THR B 26 7.87 -6.30 4.02
C THR B 26 8.72 -5.38 4.87
N TYR B 27 9.14 -4.24 4.32
CA TYR B 27 9.99 -3.31 5.03
C TYR B 27 9.30 -1.96 5.19
N TYR B 28 9.17 -1.56 6.46
CA TYR B 28 8.62 -0.29 6.87
C TYR B 28 9.64 0.65 7.50
N GLU B 29 9.43 1.96 7.36
CA GLU B 29 10.20 3.01 8.04
C GLU B 29 9.20 3.89 8.78
N VAL B 30 9.40 4.05 10.09
CA VAL B 30 8.52 4.95 10.84
C VAL B 30 9.41 5.96 11.62
N THR B 31 9.11 7.24 11.50
CA THR B 31 9.95 8.30 12.15
C THR B 31 9.13 9.03 13.18
N MET B 32 9.67 9.14 14.39
CA MET B 32 9.04 9.88 15.44
C MET B 32 9.30 11.36 15.14
N GLU B 33 8.21 12.13 15.12
CA GLU B 33 8.21 13.55 14.74
C GLU B 33 7.45 14.41 15.71
N GLU B 34 7.93 15.64 15.91
CA GLU B 34 7.09 16.69 16.49
C GLU B 34 6.02 17.01 15.46
N CYS B 35 4.78 17.12 15.89
CA CYS B 35 3.68 17.39 15.01
C CYS B 35 2.65 18.19 15.78
N THR B 36 1.67 18.74 15.06
CA THR B 36 0.56 19.42 15.75
C THR B 36 -0.79 18.97 15.23
N HIS B 37 -1.78 18.74 16.10
CA HIS B 37 -3.08 18.24 15.63
C HIS B 37 -4.08 18.83 16.54
N GLN B 38 -5.24 19.12 15.98
CA GLN B 38 -6.35 19.57 16.74
C GLN B 38 -7.06 18.38 17.40
N LEU B 39 -7.17 18.45 18.71
CA LEU B 39 -7.71 17.34 19.45
C LEU B 39 -9.19 17.53 19.68
N HIS B 40 -9.69 18.75 19.52
CA HIS B 40 -11.11 19.00 19.71
C HIS B 40 -11.51 20.23 18.92
N ARG B 41 -12.75 20.26 18.47
CA ARG B 41 -13.26 21.40 17.71
C ARG B 41 -12.88 22.80 18.27
N ASP B 42 -12.96 22.97 19.56
CA ASP B 42 -12.84 24.30 20.16
C ASP B 42 -11.45 24.54 20.76
N LEU B 43 -10.48 23.66 20.53
CA LEU B 43 -9.11 23.89 20.99
C LEU B 43 -8.21 24.34 19.87
N PRO B 44 -7.21 25.20 20.18
CA PRO B 44 -6.14 25.41 19.25
C PRO B 44 -5.37 24.11 19.11
N PRO B 45 -4.68 23.91 17.99
CA PRO B 45 -3.89 22.72 17.72
C PRO B 45 -2.87 22.40 18.81
N THR B 46 -2.74 21.11 19.17
CA THR B 46 -1.83 20.66 20.22
C THR B 46 -0.49 20.16 19.66
N ARG B 47 0.63 20.55 20.29
CA ARG B 47 1.97 19.97 19.99
C ARG B 47 2.10 18.56 20.59
N LEU B 48 2.50 17.62 19.77
CA LEU B 48 2.57 16.20 20.15
C LEU B 48 3.83 15.62 19.56
N TRP B 49 4.16 14.42 20.01
CA TRP B 49 5.12 13.62 19.34
C TRP B 49 4.38 12.44 18.76
N GLY B 50 4.59 12.16 17.48
CA GLY B 50 3.86 11.13 16.81
C GLY B 50 4.66 10.30 15.85
N TYR B 51 4.32 9.01 15.79
CA TYR B 51 4.91 8.13 14.76
C TYR B 51 4.46 8.57 13.36
N ASN B 52 5.43 8.88 12.50
CA ASN B 52 5.16 9.57 11.22
C ASN B 52 4.33 10.82 11.33
N GLY B 53 4.45 11.52 12.45
CA GLY B 53 3.70 12.72 12.69
C GLY B 53 2.22 12.58 12.87
N LEU B 54 1.77 11.42 13.36
CA LEU B 54 0.35 11.18 13.48
C LEU B 54 0.13 10.72 14.90
N PHE B 55 -1.00 11.12 15.46
CA PHE B 55 -1.45 10.70 16.79
C PHE B 55 -2.92 10.24 16.74
N PRO B 56 -3.17 8.94 16.95
CA PRO B 56 -2.21 7.83 17.13
C PRO B 56 -1.38 7.59 15.88
N GLY B 57 -0.35 6.79 16.02
CA GLY B 57 0.44 6.38 14.91
C GLY B 57 -0.39 5.61 13.87
N PRO B 58 0.12 5.47 12.65
CA PRO B 58 -0.57 4.64 11.66
C PRO B 58 -0.76 3.20 12.14
N THR B 59 -1.87 2.59 11.78
CA THR B 59 -2.13 1.21 12.10
C THR B 59 -1.28 0.37 11.16
N ILE B 60 -0.52 -0.53 11.73
CA ILE B 60 0.23 -1.50 11.00
C ILE B 60 -0.59 -2.79 10.88
N GLU B 61 -0.78 -3.24 9.63
CA GLU B 61 -1.50 -4.52 9.39
C GLU B 61 -0.62 -5.53 8.71
N VAL B 62 -0.51 -6.71 9.33
CA VAL B 62 0.32 -7.75 8.86
C VAL B 62 -0.49 -9.07 8.87
N LYS B 63 0.02 -10.02 8.08
CA LYS B 63 -0.45 -11.41 8.09
C LYS B 63 0.39 -12.23 9.04
N ARG B 64 -0.24 -13.23 9.64
CA ARG B 64 0.47 -14.22 10.39
C ARG B 64 1.63 -14.81 9.51
N ASN B 65 2.80 -14.92 10.11
CA ASN B 65 4.05 -15.34 9.49
C ASN B 65 4.60 -14.41 8.48
N GLU B 66 4.05 -13.23 8.34
CA GLU B 66 4.66 -12.26 7.42
C GLU B 66 6.01 -11.77 8.01
N ASN B 67 7.03 -11.77 7.17
CA ASN B 67 8.36 -11.42 7.57
C ASN B 67 8.49 -9.88 7.51
N VAL B 68 8.32 -9.24 8.67
CA VAL B 68 8.22 -7.79 8.71
C VAL B 68 9.43 -7.18 9.36
N TYR B 69 9.92 -6.12 8.75
CA TYR B 69 10.99 -5.34 9.33
C TYR B 69 10.53 -3.92 9.44
N VAL B 70 10.87 -3.26 10.56
CA VAL B 70 10.58 -1.85 10.76
C VAL B 70 11.80 -1.12 11.25
N LYS B 71 12.21 -0.10 10.51
CA LYS B 71 13.22 0.84 10.99
C LYS B 71 12.54 2.02 11.73
N TRP B 72 12.56 1.97 13.07
CA TRP B 72 11.96 3.02 13.88
C TRP B 72 13.01 4.06 14.06
N MET B 73 12.71 5.31 13.71
CA MET B 73 13.70 6.39 13.78
C MET B 73 13.18 7.54 14.66
N ASN B 74 14.13 8.21 15.31
CA ASN B 74 13.88 9.36 16.11
C ASN B 74 14.25 10.64 15.34
N ASN B 75 13.29 11.51 15.12
CA ASN B 75 13.53 12.86 14.56
C ASN B 75 13.02 13.91 15.52
N LEU B 76 13.19 13.66 16.81
CA LEU B 76 12.64 14.50 17.85
C LEU B 76 13.73 15.44 18.38
N PRO B 77 13.31 16.50 19.08
CA PRO B 77 14.27 17.47 19.62
C PRO B 77 15.00 16.91 20.81
N SER B 78 16.02 17.62 21.28
CA SER B 78 16.87 17.08 22.35
C SER B 78 16.38 17.41 23.73
N THR B 79 15.35 18.22 23.85
CA THR B 79 14.77 18.52 25.15
C THR B 79 13.31 18.11 25.09
N HIS B 80 12.82 17.51 26.16
CA HIS B 80 11.43 17.12 26.25
C HIS B 80 10.55 18.33 26.52
N PHE B 81 9.32 18.25 26.07
CA PHE B 81 8.33 19.25 26.39
C PHE B 81 7.47 18.95 27.63
N LEU B 82 7.68 17.76 28.20
CA LEU B 82 7.02 17.31 29.42
C LEU B 82 8.03 17.22 30.53
N PRO B 83 7.57 17.24 31.81
CA PRO B 83 8.53 17.29 32.92
C PRO B 83 9.34 16.03 33.16
N ILE B 84 10.64 16.16 33.13
CA ILE B 84 11.50 15.06 33.38
C ILE B 84 12.03 15.09 34.83
N ASP B 85 11.97 13.97 35.52
CA ASP B 85 12.54 13.85 36.88
C ASP B 85 13.84 13.11 36.78
N HIS B 86 14.99 13.77 36.93
CA HIS B 86 16.25 13.01 36.77
C HIS B 86 16.60 12.13 37.96
N THR B 87 15.92 12.35 39.09
CA THR B 87 16.31 11.59 40.26
C THR B 87 15.87 10.12 40.23
N ILE B 88 15.07 9.69 39.26
CA ILE B 88 14.63 8.29 39.27
C ILE B 88 15.57 7.24 38.64
N HIS B 89 16.54 7.68 37.86
CA HIS B 89 17.46 6.76 37.23
C HIS B 89 18.85 7.20 37.55
N HIS B 90 19.79 6.25 37.57
CA HIS B 90 21.20 6.48 37.98
C HIS B 90 21.33 6.66 39.49
N GLU B 96 26.20 13.93 30.40
CA GLU B 96 26.41 12.52 30.11
C GLU B 96 25.37 11.99 29.10
N GLU B 97 24.15 11.71 29.55
CA GLU B 97 23.12 11.05 28.71
C GLU B 97 22.21 12.07 28.02
N PRO B 98 21.67 11.72 26.83
CA PRO B 98 20.71 12.62 26.23
C PRO B 98 19.43 12.56 27.03
N GLU B 99 18.75 13.68 27.14
CA GLU B 99 17.52 13.76 27.84
C GLU B 99 16.37 13.02 27.11
N VAL B 100 16.29 13.12 25.79
CA VAL B 100 15.22 12.49 25.00
C VAL B 100 15.76 11.15 24.44
N LYS B 101 15.25 10.04 24.95
CA LYS B 101 15.66 8.68 24.57
C LYS B 101 14.37 7.97 24.10
N THR B 102 14.45 7.19 23.04
CA THR B 102 13.25 6.50 22.51
C THR B 102 13.63 5.06 22.17
N VAL B 103 12.68 4.17 22.31
CA VAL B 103 12.81 2.79 21.80
C VAL B 103 11.39 2.28 21.62
N VAL B 104 11.13 1.54 20.53
CA VAL B 104 9.75 1.09 20.24
C VAL B 104 9.56 -0.41 20.61
N HIS B 105 8.56 -0.69 21.44
CA HIS B 105 8.18 -2.06 21.83
C HIS B 105 6.88 -2.41 21.09
N LEU B 106 6.89 -3.56 20.39
CA LEU B 106 5.66 -4.12 19.84
C LEU B 106 5.03 -5.00 20.94
N HIS B 107 4.00 -4.45 21.56
CA HIS B 107 3.37 -5.04 22.73
C HIS B 107 2.51 -6.23 22.26
N GLY B 108 2.88 -7.41 22.74
CA GLY B 108 2.25 -8.67 22.30
C GLY B 108 3.09 -9.41 21.27
N GLY B 109 4.16 -8.79 20.81
CA GLY B 109 4.95 -9.39 19.70
C GLY B 109 5.70 -10.60 20.18
N VAL B 110 5.63 -11.67 19.39
CA VAL B 110 6.48 -12.82 19.58
C VAL B 110 7.74 -12.50 18.81
N THR B 111 8.66 -11.86 19.52
CA THR B 111 9.72 -11.12 18.92
C THR B 111 11.05 -11.57 19.46
N PRO B 112 12.05 -11.69 18.58
CA PRO B 112 13.37 -11.97 19.13
C PRO B 112 13.84 -10.85 20.03
N ASP B 113 14.63 -11.19 21.05
CA ASP B 113 14.95 -10.24 22.11
C ASP B 113 15.59 -8.92 21.63
N ASP B 114 16.43 -8.99 20.58
CA ASP B 114 17.05 -7.79 20.08
C ASP B 114 16.15 -6.91 19.21
N SER B 115 14.95 -7.39 18.93
CA SER B 115 13.92 -6.53 18.28
C SER B 115 12.72 -6.22 19.18
N ASP B 116 12.75 -6.61 20.46
CA ASP B 116 11.59 -6.39 21.36
C ASP B 116 11.51 -5.00 21.94
N GLY B 117 12.54 -4.18 21.80
CA GLY B 117 12.49 -2.82 22.34
C GLY B 117 12.81 -2.76 23.83
N TYR B 118 13.89 -3.41 24.21
CA TYR B 118 14.36 -3.41 25.59
C TYR B 118 14.56 -1.96 26.04
N PRO B 119 14.22 -1.64 27.29
CA PRO B 119 14.21 -0.25 27.73
C PRO B 119 15.57 0.41 27.67
N GLU B 120 16.63 -0.36 27.82
CA GLU B 120 17.99 0.13 27.68
C GLU B 120 18.61 0.05 26.25
N ALA B 121 17.79 -0.27 25.26
CA ALA B 121 18.21 -0.31 23.84
C ALA B 121 17.74 0.99 23.17
N TRP B 122 17.62 2.06 23.95
CA TRP B 122 17.18 3.36 23.46
C TRP B 122 18.17 4.08 22.55
N PHE B 123 17.63 5.08 21.89
CA PHE B 123 18.39 5.93 20.98
C PHE B 123 17.83 7.34 20.94
N SER B 124 18.70 8.30 20.62
CA SER B 124 18.30 9.66 20.40
C SER B 124 18.18 9.94 18.90
N LYS B 125 17.91 11.21 18.54
CA LYS B 125 17.74 11.63 17.15
C LYS B 125 18.83 11.10 16.28
N ASP B 126 18.45 10.47 15.17
CA ASP B 126 19.36 9.98 14.16
C ASP B 126 20.31 8.91 14.70
N PHE B 127 19.92 8.23 15.79
CA PHE B 127 20.81 7.27 16.45
C PHE B 127 22.15 7.89 16.89
N GLU B 128 22.15 9.17 17.21
CA GLU B 128 23.40 9.89 17.62
C GLU B 128 23.97 9.37 18.92
N GLN B 129 23.08 9.14 19.90
CA GLN B 129 23.41 8.49 21.16
C GLN B 129 22.51 7.28 21.36
N THR B 130 23.11 6.26 21.94
CA THR B 130 22.46 4.94 22.08
C THR B 130 22.76 4.36 23.43
N GLY B 131 21.83 3.55 23.88
CA GLY B 131 21.88 3.00 25.21
C GLY B 131 22.69 1.73 25.30
N PRO B 132 22.77 1.19 26.52
CA PRO B 132 23.67 0.06 26.75
C PRO B 132 23.29 -1.22 26.04
N TYR B 133 22.03 -1.41 25.72
CA TYR B 133 21.62 -2.63 24.99
C TYR B 133 21.34 -2.37 23.50
N PHE B 134 21.72 -1.19 23.01
CA PHE B 134 21.44 -0.87 21.61
C PHE B 134 22.18 -1.84 20.70
N LYS B 135 21.46 -2.43 19.74
CA LYS B 135 22.08 -3.43 18.85
C LYS B 135 21.77 -3.14 17.39
N ARG B 136 20.53 -2.78 17.06
CA ARG B 136 20.14 -2.71 15.65
C ARG B 136 19.16 -1.61 15.39
N GLU B 137 19.27 -1.03 14.21
CA GLU B 137 18.39 0.04 13.81
C GLU B 137 17.07 -0.51 13.29
N VAL B 138 17.12 -1.65 12.63
CA VAL B 138 15.93 -2.22 11.94
C VAL B 138 15.45 -3.41 12.74
N TYR B 139 14.23 -3.35 13.25
CA TYR B 139 13.68 -4.45 14.05
C TYR B 139 13.04 -5.50 13.16
N HIS B 140 13.04 -6.75 13.62
CA HIS B 140 12.50 -7.86 12.85
C HIS B 140 11.31 -8.47 13.61
N TYR B 141 10.13 -8.49 13.00
CA TYR B 141 8.95 -9.12 13.58
C TYR B 141 8.50 -10.30 12.68
N PRO B 142 8.80 -11.53 13.08
CA PRO B 142 8.40 -12.67 12.23
C PRO B 142 6.91 -12.95 12.23
N ASN B 143 6.21 -12.43 13.24
CA ASN B 143 4.76 -12.57 13.32
C ASN B 143 4.24 -14.03 13.36
N GLN B 144 5.05 -14.91 13.89
CA GLN B 144 4.72 -16.35 13.90
C GLN B 144 3.88 -16.60 15.13
N GLN B 145 2.65 -16.11 15.11
CA GLN B 145 1.81 -16.13 16.31
C GLN B 145 0.36 -15.97 15.86
N ARG B 146 -0.55 -16.11 16.82
CA ARG B 146 -1.99 -16.05 16.61
C ARG B 146 -2.45 -14.69 16.18
N GLY B 147 -3.46 -14.66 15.32
CA GLY B 147 -4.15 -13.44 14.95
C GLY B 147 -4.55 -12.72 16.23
N ALA B 148 -4.30 -11.42 16.30
CA ALA B 148 -4.62 -10.65 17.49
C ALA B 148 -4.41 -9.14 17.28
N ILE B 149 -4.97 -8.36 18.24
CA ILE B 149 -4.71 -6.92 18.36
C ILE B 149 -3.46 -6.68 19.19
N LEU B 150 -2.39 -6.20 18.56
CA LEU B 150 -1.21 -5.75 19.27
C LEU B 150 -1.20 -4.23 19.22
N TRP B 151 -0.20 -3.63 19.86
CA TRP B 151 0.03 -2.22 19.70
C TRP B 151 1.45 -1.91 19.92
N TYR B 152 1.90 -0.79 19.41
CA TYR B 152 3.29 -0.43 19.57
C TYR B 152 3.38 0.93 20.29
N HIS B 153 4.43 1.09 21.08
CA HIS B 153 4.62 2.30 21.87
C HIS B 153 6.03 2.45 22.36
N ASP B 154 6.33 3.66 22.80
CA ASP B 154 7.65 3.88 23.32
C ASP B 154 7.89 3.10 24.65
N HIS B 155 9.13 2.67 24.86
CA HIS B 155 9.46 1.86 26.02
C HIS B 155 10.80 2.29 26.64
N ALA B 156 11.20 3.54 26.45
CA ALA B 156 12.53 3.94 26.90
C ALA B 156 12.64 4.02 28.41
N MET B 157 13.76 3.51 28.94
CA MET B 157 14.08 3.50 30.39
C MET B 157 13.81 4.83 31.04
N ALA B 158 13.00 4.80 32.10
CA ALA B 158 12.71 5.95 32.95
C ALA B 158 11.89 7.06 32.29
N LEU B 159 11.44 6.84 31.04
CA LEU B 159 10.76 7.87 30.27
C LEU B 159 9.46 7.42 29.62
N THR B 160 9.07 6.16 29.85
CA THR B 160 7.98 5.58 29.12
C THR B 160 6.66 6.32 29.36
N ARG B 161 6.45 6.72 30.60
CA ARG B 161 5.23 7.44 30.93
C ARG B 161 5.11 8.78 30.15
N LEU B 162 6.24 9.45 29.90
CA LEU B 162 6.24 10.74 29.24
C LEU B 162 6.18 10.57 27.71
N ASN B 163 6.94 9.64 27.17
CA ASN B 163 6.97 9.44 25.71
C ASN B 163 5.67 8.90 25.18
N VAL B 164 5.06 7.98 25.95
CA VAL B 164 3.71 7.53 25.62
C VAL B 164 2.67 8.66 25.72
N TYR B 165 2.69 9.40 26.82
CA TYR B 165 1.78 10.53 27.01
C TYR B 165 1.88 11.59 25.91
N ALA B 166 3.07 11.73 25.36
CA ALA B 166 3.37 12.72 24.29
C ALA B 166 2.70 12.32 22.98
N GLY B 167 2.36 11.03 22.84
CA GLY B 167 1.58 10.56 21.72
C GLY B 167 2.16 9.37 21.01
N LEU B 168 3.25 8.76 21.55
CA LEU B 168 3.91 7.66 20.86
C LEU B 168 3.22 6.27 21.15
N VAL B 169 2.08 6.08 20.50
CA VAL B 169 1.32 4.84 20.51
C VAL B 169 0.67 4.65 19.12
N GLY B 170 0.47 3.38 18.72
CA GLY B 170 -0.29 3.01 17.55
C GLY B 170 -0.78 1.56 17.61
N ALA B 171 -1.70 1.20 16.74
CA ALA B 171 -2.17 -0.20 16.64
C ALA B 171 -1.38 -1.05 15.64
N TYR B 172 -1.28 -2.37 15.94
CA TYR B 172 -0.65 -3.31 15.03
C TYR B 172 -1.54 -4.53 15.04
N ILE B 173 -2.12 -4.86 13.88
CA ILE B 173 -3.04 -5.99 13.84
C ILE B 173 -2.46 -7.14 13.04
N ILE B 174 -2.45 -8.33 13.63
CA ILE B 174 -2.07 -9.54 12.95
C ILE B 174 -3.36 -10.23 12.51
N HIS B 175 -3.48 -10.46 11.20
CA HIS B 175 -4.61 -11.18 10.59
C HIS B 175 -4.15 -12.60 10.26
N ASP B 176 -4.89 -13.60 10.74
CA ASP B 176 -4.62 -15.00 10.43
C ASP B 176 -5.67 -15.43 9.37
N PRO B 177 -5.23 -15.76 8.14
CA PRO B 177 -6.24 -16.09 7.10
C PRO B 177 -7.16 -17.25 7.49
N LYS B 178 -6.66 -18.15 8.33
CA LYS B 178 -7.48 -19.23 8.82
C LYS B 178 -8.69 -18.77 9.60
N GLU B 179 -8.75 -17.50 10.04
CA GLU B 179 -9.95 -17.03 10.72
C GLU B 179 -10.97 -16.40 9.83
N LYS B 180 -10.65 -16.19 8.54
CA LYS B 180 -11.63 -15.60 7.63
C LYS B 180 -12.92 -16.43 7.56
N ARG B 181 -12.82 -17.75 7.75
CA ARG B 181 -14.04 -18.60 7.60
C ARG B 181 -15.08 -18.33 8.69
N LEU B 182 -14.73 -17.60 9.75
CA LEU B 182 -15.76 -17.20 10.76
C LEU B 182 -16.64 -16.12 10.32
N LYS B 183 -16.21 -15.38 9.30
CA LYS B 183 -16.99 -14.28 8.75
C LYS B 183 -17.32 -13.18 9.78
N LEU B 184 -16.35 -12.91 10.66
CA LEU B 184 -16.49 -11.76 11.56
C LEU B 184 -16.55 -10.47 10.75
N PRO B 185 -17.22 -9.45 11.29
CA PRO B 185 -17.21 -8.17 10.58
C PRO B 185 -15.79 -7.72 10.16
N SER B 186 -15.65 -7.19 8.95
CA SER B 186 -14.33 -6.88 8.43
C SER B 186 -14.33 -5.58 7.64
N ASP B 187 -13.13 -5.21 7.20
CA ASP B 187 -12.91 -4.09 6.31
C ASP B 187 -13.39 -2.81 6.96
N GLU B 188 -14.31 -2.08 6.36
CA GLU B 188 -14.70 -0.81 7.00
C GLU B 188 -15.56 -1.01 8.26
N TYR B 189 -15.99 -2.26 8.53
CA TYR B 189 -16.77 -2.61 9.72
C TYR B 189 -15.90 -3.19 10.86
N ASP B 190 -14.58 -3.02 10.77
CA ASP B 190 -13.57 -3.52 11.71
C ASP B 190 -12.63 -2.30 11.98
N VAL B 191 -12.79 -1.70 13.16
CA VAL B 191 -12.30 -0.39 13.48
C VAL B 191 -11.51 -0.38 14.81
N PRO B 192 -10.28 0.11 14.77
CA PRO B 192 -9.57 0.22 16.07
C PRO B 192 -10.06 1.41 16.91
N LEU B 193 -10.10 1.23 18.23
CA LEU B 193 -10.45 2.31 19.18
C LEU B 193 -9.32 2.38 20.19
N LEU B 194 -8.39 3.32 19.99
CA LEU B 194 -7.27 3.49 20.95
C LEU B 194 -7.68 4.59 21.93
N ILE B 195 -7.84 4.24 23.20
CA ILE B 195 -8.38 5.16 24.22
C ILE B 195 -7.23 5.72 25.03
N THR B 196 -7.14 7.04 25.11
CA THR B 196 -6.09 7.70 25.88
C THR B 196 -6.71 8.86 26.68
N ASP B 197 -6.51 8.89 27.99
CA ASP B 197 -6.98 10.06 28.72
C ASP B 197 -5.88 11.12 28.73
N ARG B 198 -6.28 12.37 28.69
CA ARG B 198 -5.36 13.47 28.66
C ARG B 198 -5.97 14.65 29.44
N THR B 199 -5.08 15.50 29.93
CA THR B 199 -5.46 16.79 30.43
C THR B 199 -4.87 17.83 29.51
N ILE B 200 -5.71 18.76 29.06
CA ILE B 200 -5.31 19.72 28.03
C ILE B 200 -5.57 21.14 28.53
N ASN B 201 -4.56 21.98 28.41
CA ASN B 201 -4.63 23.38 28.81
C ASN B 201 -5.48 24.20 27.86
N GLU B 202 -5.85 25.39 28.31
CA GLU B 202 -6.66 26.30 27.52
C GLU B 202 -6.05 26.61 26.18
N ASP B 203 -4.75 26.73 26.12
CA ASP B 203 -4.08 27.06 24.88
C ASP B 203 -3.81 25.84 23.97
N GLY B 204 -4.37 24.68 24.31
CA GLY B 204 -4.19 23.47 23.51
C GLY B 204 -3.04 22.56 23.90
N SER B 205 -2.12 23.07 24.70
CA SER B 205 -0.97 22.28 25.12
C SER B 205 -1.39 21.19 26.12
N LEU B 206 -0.68 20.09 26.03
CA LEU B 206 -0.86 18.96 26.92
C LEU B 206 -0.34 19.35 28.28
N PHE B 207 -1.05 18.93 29.32
CA PHE B 207 -0.60 19.11 30.68
C PHE B 207 -0.24 17.73 31.24
N TYR B 208 0.92 17.63 31.84
CA TYR B 208 1.33 16.47 32.63
C TYR B 208 1.93 17.06 33.91
N PRO B 209 1.52 16.54 35.09
CA PRO B 209 1.95 17.13 36.37
C PRO B 209 3.47 17.10 36.59
N SER B 210 4.04 18.24 37.04
CA SER B 210 5.48 18.26 37.31
C SER B 210 5.87 17.71 38.67
N ALA B 211 4.90 17.51 39.55
CA ALA B 211 5.17 16.96 40.87
C ALA B 211 3.87 16.61 41.53
N PRO B 212 3.95 15.83 42.61
CA PRO B 212 2.72 15.65 43.37
C PRO B 212 2.21 16.99 43.90
N GLU B 213 0.95 16.99 44.33
CA GLU B 213 0.34 18.14 44.92
C GLU B 213 0.89 18.36 46.34
N ASN B 214 0.97 19.62 46.75
CA ASN B 214 1.34 19.93 48.14
C ASN B 214 2.60 19.24 48.60
N PRO B 215 3.64 19.30 47.78
CA PRO B 215 4.84 18.56 48.08
C PRO B 215 5.69 19.15 49.19
N SER B 216 6.53 18.32 49.83
CA SER B 216 7.66 18.83 50.65
C SER B 216 8.51 19.79 49.80
N PRO B 217 9.06 20.87 50.41
CA PRO B 217 10.00 21.71 49.66
C PRO B 217 11.27 20.97 49.27
N SER B 218 11.55 19.87 49.94
CA SER B 218 12.73 19.04 49.60
C SER B 218 12.51 18.07 48.48
N LEU B 219 11.28 17.94 47.99
CA LEU B 219 11.01 16.97 46.95
C LEU B 219 11.70 17.45 45.69
N PRO B 220 12.28 16.52 44.91
CA PRO B 220 12.74 16.98 43.59
C PRO B 220 11.66 17.66 42.79
N ASN B 221 12.04 18.61 41.95
CA ASN B 221 11.15 19.27 41.08
C ASN B 221 11.82 19.43 39.69
N PRO B 222 11.33 18.73 38.66
CA PRO B 222 10.13 17.90 38.71
C PRO B 222 10.27 16.64 39.54
N SER B 223 9.14 16.09 39.93
CA SER B 223 9.10 14.80 40.63
C SER B 223 8.12 13.88 39.89
N ILE B 224 8.51 12.64 39.71
CA ILE B 224 7.56 11.60 39.37
C ILE B 224 6.35 11.59 40.31
N VAL B 225 5.21 11.22 39.74
CA VAL B 225 3.97 11.00 40.47
C VAL B 225 3.56 9.53 40.25
N PRO B 226 2.83 8.94 41.20
CA PRO B 226 2.55 7.49 41.06
C PRO B 226 1.29 7.16 40.27
N ALA B 227 0.59 8.16 39.72
CA ALA B 227 -0.64 7.95 39.04
C ALA B 227 -0.90 9.20 38.25
N PHE B 228 -1.41 9.05 37.05
CA PHE B 228 -1.86 10.19 36.26
C PHE B 228 -3.30 9.94 35.87
N CYS B 229 -4.21 10.81 36.30
CA CYS B 229 -5.60 10.70 35.87
C CYS B 229 -5.96 11.90 35.04
N GLY B 230 -6.18 11.68 33.75
CA GLY B 230 -6.48 12.78 32.85
C GLY B 230 -7.92 13.25 32.96
N GLU B 231 -8.16 14.53 32.71
CA GLU B 231 -9.53 15.11 32.79
C GLU B 231 -10.43 14.80 31.63
N THR B 232 -9.84 14.40 30.49
CA THR B 232 -10.61 14.30 29.27
C THR B 232 -10.30 12.98 28.60
N ILE B 233 -11.29 12.38 27.93
CA ILE B 233 -11.06 11.08 27.26
C ILE B 233 -11.01 11.28 25.76
N LEU B 234 -9.96 10.74 25.14
CA LEU B 234 -9.82 10.71 23.71
C LEU B 234 -9.91 9.29 23.15
N VAL B 235 -10.49 9.17 21.95
CA VAL B 235 -10.45 7.94 21.17
C VAL B 235 -9.87 8.27 19.80
N ASN B 236 -8.87 7.48 19.40
CA ASN B 236 -8.12 7.77 18.18
C ASN B 236 -7.72 9.21 17.97
N GLY B 237 -7.24 9.81 19.05
CA GLY B 237 -6.70 11.14 18.97
C GLY B 237 -7.71 12.30 18.98
N LYS B 238 -8.98 12.04 19.30
CA LYS B 238 -9.98 13.10 19.35
C LYS B 238 -10.72 13.04 20.65
N VAL B 239 -10.94 14.19 21.26
CA VAL B 239 -11.73 14.27 22.50
C VAL B 239 -13.19 13.88 22.29
N TRP B 240 -13.69 12.98 23.13
CA TRP B 240 -15.10 12.59 23.16
C TRP B 240 -15.77 12.62 21.79
N PRO B 241 -15.29 11.74 20.88
CA PRO B 241 -15.81 11.84 19.53
C PRO B 241 -17.10 11.07 19.27
N TYR B 242 -17.67 11.22 18.08
CA TYR B 242 -18.86 10.42 17.67
C TYR B 242 -18.44 9.62 16.44
N LEU B 243 -19.06 8.46 16.27
CA LEU B 243 -18.87 7.63 15.08
C LEU B 243 -20.24 7.29 14.50
N GLU B 244 -20.49 7.75 13.29
CA GLU B 244 -21.68 7.38 12.54
C GLU B 244 -21.56 5.95 12.05
N VAL B 245 -22.53 5.12 12.42
CA VAL B 245 -22.50 3.70 12.08
C VAL B 245 -23.75 3.28 11.32
N GLU B 246 -23.63 2.20 10.55
CA GLU B 246 -24.77 1.58 9.89
C GLU B 246 -25.43 0.62 10.89
N PRO B 247 -26.74 0.32 10.72
CA PRO B 247 -27.45 -0.68 11.59
C PRO B 247 -27.14 -2.11 11.25
N ARG B 248 -25.97 -2.55 11.70
CA ARG B 248 -25.41 -3.87 11.41
C ARG B 248 -24.26 -4.12 12.41
N LYS B 249 -23.59 -5.25 12.25
CA LYS B 249 -22.53 -5.65 13.18
C LYS B 249 -21.22 -4.98 12.79
N TYR B 250 -20.55 -4.44 13.81
CA TYR B 250 -19.20 -3.92 13.68
C TYR B 250 -18.24 -4.67 14.59
N ARG B 251 -16.98 -4.77 14.17
CA ARG B 251 -15.91 -5.28 15.00
C ARG B 251 -15.08 -4.08 15.46
N PHE B 252 -14.80 -4.01 16.76
CA PHE B 252 -13.92 -2.96 17.32
C PHE B 252 -12.77 -3.56 18.05
N ARG B 253 -11.59 -3.04 17.78
CA ARG B 253 -10.37 -3.53 18.40
C ARG B 253 -9.99 -2.49 19.45
N VAL B 254 -10.46 -2.73 20.70
CA VAL B 254 -10.35 -1.79 21.78
C VAL B 254 -8.97 -1.89 22.51
N ILE B 255 -8.20 -0.79 22.50
CA ILE B 255 -6.89 -0.70 23.10
C ILE B 255 -6.85 0.38 24.16
N ASN B 256 -6.55 -0.01 25.39
CA ASN B 256 -6.26 0.99 26.43
C ASN B 256 -4.82 1.45 26.39
N ALA B 257 -4.62 2.63 25.78
CA ALA B 257 -3.28 3.23 25.62
C ALA B 257 -3.02 4.37 26.61
N SER B 258 -3.74 4.35 27.71
CA SER B 258 -3.60 5.34 28.73
C SER B 258 -2.51 5.00 29.72
N ASN B 259 -1.99 6.02 30.41
CA ASN B 259 -0.90 5.80 31.36
C ASN B 259 -1.23 4.96 32.62
N THR B 260 -2.32 5.36 33.27
CA THR B 260 -2.79 4.76 34.53
C THR B 260 -4.21 4.31 34.48
N ARG B 261 -5.07 5.03 33.76
CA ARG B 261 -6.50 4.91 33.90
C ARG B 261 -7.05 3.54 33.45
N THR B 262 -7.87 2.94 34.32
CA THR B 262 -8.65 1.73 33.98
C THR B 262 -10.04 2.19 33.64
N TYR B 263 -10.63 1.62 32.59
CA TYR B 263 -11.99 1.93 32.19
C TYR B 263 -12.92 0.80 32.54
N ASN B 264 -14.17 1.13 32.85
CA ASN B 264 -15.19 0.07 32.91
C ASN B 264 -16.34 0.46 32.00
N LEU B 265 -16.39 -0.19 30.85
CA LEU B 265 -17.16 0.30 29.74
C LEU B 265 -18.52 -0.35 29.66
N SER B 266 -19.50 0.42 29.26
CA SER B 266 -20.84 -0.12 28.98
C SER B 266 -21.48 0.70 27.88
N LEU B 267 -22.63 0.27 27.36
CA LEU B 267 -23.40 1.08 26.39
C LEU B 267 -24.62 1.64 27.10
N ASP B 268 -24.92 2.92 26.90
CA ASP B 268 -25.92 3.58 27.76
C ASP B 268 -27.37 3.33 27.33
N ASN B 269 -27.56 2.55 26.27
CA ASN B 269 -28.87 2.01 25.95
C ASN B 269 -29.01 0.59 26.46
N GLY B 270 -27.98 0.09 27.15
CA GLY B 270 -28.02 -1.20 27.81
C GLY B 270 -27.64 -2.34 26.89
N GLY B 271 -27.33 -2.02 25.63
CA GLY B 271 -26.91 -3.04 24.68
C GLY B 271 -25.67 -3.76 25.16
N ASP B 272 -25.47 -4.95 24.64
CA ASP B 272 -24.36 -5.77 25.08
C ASP B 272 -23.19 -5.67 24.08
N PHE B 273 -22.00 -5.99 24.55
CA PHE B 273 -20.87 -6.22 23.70
C PHE B 273 -20.80 -7.72 23.51
N ILE B 274 -20.36 -8.15 22.35
CA ILE B 274 -19.94 -9.53 22.20
C ILE B 274 -18.42 -9.62 22.09
N GLN B 275 -17.76 -10.06 23.15
CA GLN B 275 -16.30 -10.22 23.11
C GLN B 275 -15.93 -11.42 22.30
N ILE B 276 -15.10 -11.25 21.28
CA ILE B 276 -14.57 -12.39 20.50
C ILE B 276 -13.09 -12.67 20.77
N GLY B 277 -12.38 -11.69 21.36
CA GLY B 277 -10.95 -11.85 21.52
C GLY B 277 -10.38 -11.02 22.68
N SER B 278 -9.24 -11.45 23.13
CA SER B 278 -8.45 -10.85 24.22
C SER B 278 -7.05 -10.54 23.69
N ASP B 279 -6.17 -10.09 24.57
CA ASP B 279 -4.79 -9.71 24.19
C ASP B 279 -4.14 -10.66 23.16
N GLY B 280 -4.25 -11.95 23.44
CA GLY B 280 -3.53 -12.99 22.73
C GLY B 280 -4.33 -13.68 21.61
N GLY B 281 -5.48 -13.15 21.27
CA GLY B 281 -6.25 -13.61 20.13
C GLY B 281 -7.67 -13.99 20.47
N LEU B 282 -8.29 -14.71 19.55
CA LEU B 282 -9.68 -15.07 19.69
C LEU B 282 -9.87 -15.92 20.92
N LEU B 283 -10.93 -15.62 21.62
CA LEU B 283 -11.37 -16.41 22.76
C LEU B 283 -11.80 -17.86 22.29
N PRO B 284 -11.85 -18.85 23.21
CA PRO B 284 -12.40 -20.16 22.81
C PRO B 284 -13.87 -20.01 22.42
N ARG B 285 -14.57 -19.10 23.11
CA ARG B 285 -16.00 -18.86 22.92
C ARG B 285 -16.30 -17.42 23.13
N SER B 286 -17.21 -16.88 22.34
CA SER B 286 -17.57 -15.50 22.47
C SER B 286 -18.39 -15.34 23.73
N VAL B 287 -18.47 -14.10 24.21
CA VAL B 287 -19.13 -13.78 25.47
C VAL B 287 -19.94 -12.56 25.35
N LYS B 288 -21.23 -12.65 25.69
CA LYS B 288 -22.07 -11.45 25.79
C LYS B 288 -21.82 -10.78 27.15
N LEU B 289 -21.52 -9.48 27.11
CA LEU B 289 -21.18 -8.68 28.28
C LEU B 289 -21.99 -7.42 28.26
N ASN B 290 -22.49 -7.06 29.42
CA ASN B 290 -23.10 -5.77 29.71
C ASN B 290 -22.02 -4.68 30.02
N SER B 291 -20.87 -5.10 30.51
CA SER B 291 -19.79 -4.15 30.88
C SER B 291 -18.51 -4.93 30.87
N PHE B 292 -17.38 -4.24 30.74
CA PHE B 292 -16.09 -4.87 30.99
C PHE B 292 -15.06 -3.85 31.45
N SER B 293 -14.08 -4.35 32.20
CA SER B 293 -12.98 -3.57 32.76
C SER B 293 -11.80 -3.70 31.80
N LEU B 294 -11.11 -2.59 31.59
CA LEU B 294 -10.03 -2.47 30.61
C LEU B 294 -8.92 -1.61 31.22
N ALA B 295 -7.90 -2.26 31.75
CA ALA B 295 -6.78 -1.62 32.37
C ALA B 295 -5.73 -1.32 31.30
N PRO B 296 -4.70 -0.55 31.65
CA PRO B 296 -3.72 -0.10 30.67
C PRO B 296 -3.03 -1.29 29.97
N ALA B 297 -3.01 -1.23 28.65
CA ALA B 297 -2.42 -2.22 27.76
C ALA B 297 -3.27 -3.43 27.46
N GLU B 298 -4.41 -3.60 28.13
CA GLU B 298 -5.37 -4.61 27.72
C GLU B 298 -6.10 -4.28 26.42
N ARG B 299 -6.45 -5.33 25.67
CA ARG B 299 -7.18 -5.23 24.46
C ARG B 299 -8.44 -6.11 24.55
N TYR B 300 -9.55 -5.61 24.07
CA TYR B 300 -10.77 -6.38 23.86
C TYR B 300 -11.11 -6.26 22.37
N ASP B 301 -11.35 -7.41 21.75
CA ASP B 301 -11.80 -7.49 20.36
C ASP B 301 -13.25 -7.80 20.52
N ILE B 302 -14.10 -6.89 20.11
CA ILE B 302 -15.52 -6.99 20.39
C ILE B 302 -16.36 -6.80 19.12
N ILE B 303 -17.56 -7.39 19.15
CA ILE B 303 -18.61 -7.03 18.21
C ILE B 303 -19.68 -6.24 18.92
N ILE B 304 -20.12 -5.17 18.28
CA ILE B 304 -21.33 -4.48 18.70
C ILE B 304 -22.32 -4.59 17.55
N ASP B 305 -23.53 -5.02 17.88
CA ASP B 305 -24.59 -5.23 16.89
C ASP B 305 -25.54 -4.04 16.94
N PHE B 306 -25.47 -3.16 15.94
CA PHE B 306 -26.34 -1.99 15.95
C PHE B 306 -27.69 -2.18 15.19
N THR B 307 -27.87 -3.36 14.60
CA THR B 307 -29.05 -3.70 13.76
C THR B 307 -30.35 -3.25 14.39
N ALA B 308 -30.56 -3.59 15.66
CA ALA B 308 -31.80 -3.26 16.35
C ALA B 308 -31.91 -1.83 16.82
N TYR B 309 -30.86 -1.00 16.61
CA TYR B 309 -30.85 0.36 17.16
C TYR B 309 -30.77 1.45 16.11
N GLU B 310 -31.35 1.19 14.93
CA GLU B 310 -31.36 2.19 13.86
C GLU B 310 -31.92 3.52 14.37
N GLY B 311 -31.27 4.60 13.97
CA GLY B 311 -31.62 5.94 14.45
C GLY B 311 -31.10 6.38 15.82
N GLU B 312 -30.59 5.47 16.64
CA GLU B 312 -30.23 5.87 18.02
C GLU B 312 -28.87 6.55 18.13
N SER B 313 -28.67 7.27 19.22
CA SER B 313 -27.36 7.73 19.67
C SER B 313 -26.99 7.01 20.97
N ILE B 314 -25.87 6.30 20.95
CA ILE B 314 -25.50 5.40 22.04
C ILE B 314 -24.15 5.87 22.59
N ILE B 315 -24.12 6.19 23.87
CA ILE B 315 -22.84 6.52 24.46
C ILE B 315 -22.11 5.27 24.94
N LEU B 316 -20.83 5.21 24.59
CA LEU B 316 -19.92 4.28 25.25
C LEU B 316 -19.51 4.94 26.57
N ALA B 317 -19.98 4.38 27.70
CA ALA B 317 -19.88 5.01 29.00
C ALA B 317 -18.83 4.31 29.86
N ASN B 318 -18.36 5.01 30.89
CA ASN B 318 -17.33 4.54 31.73
C ASN B 318 -17.77 4.74 33.16
N SER B 319 -17.66 3.70 33.98
CA SER B 319 -18.02 3.85 35.39
C SER B 319 -16.83 3.78 36.34
N ALA B 320 -15.61 3.59 35.84
CA ALA B 320 -14.47 3.39 36.72
C ALA B 320 -13.84 4.73 37.12
N GLY B 321 -13.59 4.87 38.41
CA GLY B 321 -12.96 6.09 38.93
C GLY B 321 -11.45 6.13 38.69
N CYS B 322 -10.88 7.33 38.56
CA CYS B 322 -9.42 7.47 38.52
C CYS B 322 -9.08 8.61 39.45
N GLY B 323 -8.56 8.27 40.63
CA GLY B 323 -8.26 9.26 41.66
C GLY B 323 -9.54 9.81 42.28
N GLY B 324 -10.67 9.13 42.10
CA GLY B 324 -11.97 9.61 42.65
C GLY B 324 -13.10 9.12 41.77
N ASP B 325 -14.32 9.53 42.07
CA ASP B 325 -15.49 9.06 41.33
C ASP B 325 -15.60 9.64 39.92
N VAL B 326 -16.16 8.86 38.99
CA VAL B 326 -16.36 9.43 37.64
C VAL B 326 -17.29 10.62 37.67
N ASN B 327 -16.96 11.60 36.87
CA ASN B 327 -17.82 12.74 36.65
C ASN B 327 -18.71 12.46 35.46
N PRO B 328 -20.03 12.41 35.71
CA PRO B 328 -20.99 12.23 34.62
C PRO B 328 -20.79 13.12 33.39
N GLU B 329 -20.28 14.34 33.56
CA GLU B 329 -20.10 15.27 32.42
C GLU B 329 -18.79 15.08 31.64
N THR B 330 -17.82 14.36 32.21
CA THR B 330 -16.48 14.29 31.62
C THR B 330 -16.09 12.81 31.49
N ASP B 331 -15.36 12.30 32.46
CA ASP B 331 -14.69 10.98 32.31
C ASP B 331 -15.65 9.78 32.40
N ALA B 332 -16.93 10.01 32.69
CA ALA B 332 -17.93 8.96 32.52
C ALA B 332 -18.29 8.71 31.04
N ASN B 333 -17.70 9.46 30.12
CA ASN B 333 -18.02 9.34 28.72
C ASN B 333 -16.77 9.00 27.91
N ILE B 334 -16.90 8.17 26.91
CA ILE B 334 -15.76 7.81 26.09
C ILE B 334 -16.03 8.32 24.69
N MET B 335 -17.15 7.89 24.11
CA MET B 335 -17.50 8.27 22.75
C MET B 335 -18.99 8.00 22.51
N GLN B 336 -19.48 8.43 21.37
CA GLN B 336 -20.90 8.28 21.00
C GLN B 336 -21.03 7.63 19.61
N PHE B 337 -21.82 6.54 19.55
CA PHE B 337 -22.19 5.91 18.27
C PHE B 337 -23.52 6.48 17.80
N ARG B 338 -23.55 6.93 16.55
CA ARG B 338 -24.80 7.44 15.92
C ARG B 338 -25.23 6.49 14.81
N VAL B 339 -26.30 5.74 15.06
CA VAL B 339 -26.73 4.71 14.12
C VAL B 339 -27.60 5.32 13.03
N THR B 340 -26.99 6.17 12.21
CA THR B 340 -27.72 7.02 11.26
C THR B 340 -27.19 6.93 9.81
N LYS B 341 -26.19 6.10 9.57
CA LYS B 341 -25.65 5.88 8.24
C LYS B 341 -26.51 4.79 7.56
N PRO B 342 -27.05 5.08 6.36
CA PRO B 342 -27.82 4.07 5.63
C PRO B 342 -27.08 2.77 5.43
N LEU B 343 -27.77 1.64 5.61
CA LEU B 343 -27.15 0.35 5.39
C LEU B 343 -26.74 0.31 3.92
N ALA B 344 -25.50 -0.10 3.64
CA ALA B 344 -24.93 0.04 2.32
C ALA B 344 -25.20 -1.23 1.57
N GLN B 345 -24.81 -2.34 2.19
CA GLN B 345 -25.06 -3.66 1.62
C GLN B 345 -25.58 -4.53 2.74
N LYS B 346 -26.12 -5.68 2.37
CA LYS B 346 -26.66 -6.60 3.34
C LYS B 346 -25.55 -7.01 4.33
N ASP B 347 -25.83 -7.07 5.63
CA ASP B 347 -24.83 -7.62 6.58
C ASP B 347 -24.61 -9.13 6.48
N GLU B 348 -23.48 -9.55 5.92
CA GLU B 348 -23.16 -10.98 5.74
C GLU B 348 -22.17 -11.49 6.81
N SER B 349 -21.93 -10.67 7.82
CA SER B 349 -21.04 -11.09 8.87
C SER B 349 -21.79 -11.91 9.93
N ARG B 350 -21.01 -12.64 10.70
CA ARG B 350 -21.50 -13.54 11.72
C ARG B 350 -20.98 -13.16 13.11
N LYS B 351 -21.67 -13.64 14.13
CA LYS B 351 -21.22 -13.56 15.51
C LYS B 351 -21.22 -14.95 16.12
N PRO B 352 -20.26 -15.79 15.68
CA PRO B 352 -20.21 -17.19 16.08
C PRO B 352 -20.03 -17.39 17.59
N LYS B 353 -20.43 -18.55 18.07
CA LYS B 353 -20.31 -18.85 19.47
C LYS B 353 -18.95 -19.44 19.75
N TYR B 354 -18.58 -20.57 19.15
CA TYR B 354 -17.28 -21.15 19.41
C TYR B 354 -16.32 -20.62 18.31
N LEU B 355 -15.14 -20.16 18.70
CA LEU B 355 -14.27 -19.38 17.81
C LEU B 355 -12.95 -20.05 17.50
N ALA B 356 -12.28 -20.54 18.52
CA ALA B 356 -10.93 -21.05 18.38
C ALA B 356 -10.72 -22.27 19.26
N SER B 357 -9.81 -23.13 18.87
CA SER B 357 -9.56 -24.37 19.62
C SER B 357 -8.51 -24.17 20.69
N TYR B 358 -8.83 -24.60 21.91
CA TYR B 358 -7.90 -24.57 23.04
C TYR B 358 -7.69 -25.93 23.70
N PRO B 359 -6.51 -26.14 24.36
CA PRO B 359 -6.29 -27.16 25.41
C PRO B 359 -6.53 -26.65 26.86
N GLN B 367 6.34 -27.25 34.59
CA GLN B 367 7.72 -27.50 34.95
C GLN B 367 8.20 -26.83 36.22
N ASN B 368 7.52 -25.78 36.70
CA ASN B 368 8.04 -24.95 37.80
C ASN B 368 6.90 -24.05 38.30
N ILE B 369 6.80 -23.87 39.61
CA ILE B 369 5.88 -22.90 40.18
C ILE B 369 6.74 -21.74 40.62
N ARG B 370 6.29 -20.53 40.39
CA ARG B 370 7.09 -19.37 40.76
C ARG B 370 6.19 -18.39 41.48
N THR B 371 6.60 -17.90 42.65
CA THR B 371 5.77 -16.99 43.43
C THR B 371 6.36 -15.58 43.35
N LEU B 372 5.52 -14.61 43.00
CA LEU B 372 5.95 -13.24 42.85
C LEU B 372 5.13 -12.37 43.74
N LYS B 373 5.78 -11.42 44.39
CA LYS B 373 5.10 -10.55 45.37
C LYS B 373 5.18 -9.10 44.87
N LEU B 374 4.05 -8.42 44.85
CA LEU B 374 4.03 -7.01 44.53
C LEU B 374 4.22 -6.26 45.86
N ALA B 375 4.89 -5.12 45.84
CA ALA B 375 5.12 -4.39 47.08
C ALA B 375 5.37 -2.92 46.80
N GLY B 376 5.21 -2.11 47.85
CA GLY B 376 5.53 -0.66 47.76
C GLY B 376 6.52 -0.32 48.82
N THR B 377 7.45 0.56 48.52
CA THR B 377 8.42 0.97 49.49
C THR B 377 8.55 2.45 49.31
N GLN B 378 9.61 3.03 49.83
CA GLN B 378 9.78 4.53 49.71
C GLN B 378 11.22 4.84 49.44
N ASP B 379 11.46 6.01 48.87
CA ASP B 379 12.76 6.43 48.51
C ASP B 379 13.25 7.47 49.56
N GLU B 380 14.43 8.05 49.34
CA GLU B 380 15.00 9.00 50.32
C GLU B 380 14.23 10.26 50.48
N TYR B 381 13.31 10.53 49.55
CA TYR B 381 12.44 11.69 49.61
C TYR B 381 11.07 11.40 50.18
N GLY B 382 10.86 10.16 50.61
CA GLY B 382 9.58 9.76 51.11
C GLY B 382 8.56 9.41 50.04
N ARG B 383 8.94 9.41 48.76
CA ARG B 383 8.00 9.10 47.73
C ARG B 383 7.78 7.58 47.63
N PRO B 384 6.60 7.18 47.16
CA PRO B 384 6.39 5.74 46.90
C PRO B 384 7.24 5.20 45.76
N VAL B 385 7.75 3.97 45.91
CA VAL B 385 8.44 3.26 44.86
C VAL B 385 7.71 1.92 44.79
N LEU B 386 7.27 1.56 43.61
CA LEU B 386 6.59 0.29 43.39
C LEU B 386 7.52 -0.76 42.86
N LEU B 387 7.47 -1.97 43.43
CA LEU B 387 8.45 -3.01 43.20
C LEU B 387 7.82 -4.37 42.93
N LEU B 388 8.52 -5.12 42.09
CA LEU B 388 8.25 -6.53 41.88
C LEU B 388 9.25 -7.33 42.72
N ASN B 389 8.73 -8.10 43.67
CA ASN B 389 9.58 -8.95 44.51
C ASN B 389 10.58 -8.25 45.35
N ASN B 390 10.26 -7.04 45.78
CA ASN B 390 11.20 -6.22 46.54
C ASN B 390 12.57 -6.13 45.88
N LYS B 391 12.61 -6.13 44.55
CA LYS B 391 13.86 -5.96 43.80
C LYS B 391 13.75 -4.70 42.92
N ARG B 392 14.87 -4.04 42.71
CA ARG B 392 14.93 -2.90 41.79
C ARG B 392 15.29 -3.40 40.39
N TRP B 393 15.02 -2.55 39.39
CA TRP B 393 15.32 -2.86 37.98
C TRP B 393 16.76 -3.35 37.84
N HIS B 394 17.73 -2.68 38.44
CA HIS B 394 19.14 -2.98 38.24
C HIS B 394 19.70 -4.11 39.12
N ASP B 395 18.87 -4.71 39.96
CA ASP B 395 19.28 -5.87 40.75
C ASP B 395 19.50 -7.09 39.84
N PRO B 396 20.41 -7.97 40.23
CA PRO B 396 20.61 -9.15 39.34
C PRO B 396 19.30 -9.84 38.97
N VAL B 397 19.24 -10.37 37.76
CA VAL B 397 18.04 -11.04 37.26
C VAL B 397 17.65 -12.25 38.12
N THR B 398 16.37 -12.37 38.47
CA THR B 398 15.86 -13.54 39.21
C THR B 398 14.77 -14.39 38.47
N GLU B 399 14.05 -13.80 37.52
CA GLU B 399 13.04 -14.52 36.76
C GLU B 399 13.72 -15.08 35.52
N THR B 400 14.13 -16.34 35.61
CA THR B 400 14.98 -16.96 34.60
C THR B 400 14.39 -18.33 34.21
N PRO B 401 13.22 -18.34 33.59
CA PRO B 401 12.66 -19.61 33.19
C PRO B 401 13.45 -20.19 31.99
N LYS B 402 13.42 -21.52 31.86
CA LYS B 402 14.08 -22.19 30.73
C LYS B 402 13.19 -22.20 29.51
N VAL B 403 13.80 -22.08 28.34
CA VAL B 403 13.01 -22.06 27.12
C VAL B 403 12.23 -23.36 26.93
N GLY B 404 10.99 -23.25 26.47
CA GLY B 404 10.12 -24.36 26.27
C GLY B 404 9.44 -24.92 27.50
N THR B 405 9.76 -24.43 28.68
CA THR B 405 9.09 -24.87 29.90
C THR B 405 7.87 -24.03 30.20
N THR B 406 6.93 -24.64 30.91
CA THR B 406 5.69 -24.03 31.31
C THR B 406 5.77 -23.82 32.83
N GLU B 407 5.49 -22.61 33.27
CA GLU B 407 5.48 -22.35 34.73
C GLU B 407 4.13 -21.79 35.14
N ILE B 408 3.76 -22.02 36.40
CA ILE B 408 2.65 -21.29 36.96
C ILE B 408 3.25 -20.14 37.77
N TRP B 409 2.87 -18.91 37.43
CA TRP B 409 3.25 -17.76 38.23
C TRP B 409 2.09 -17.42 39.18
N SER B 410 2.35 -17.47 40.51
CA SER B 410 1.42 -16.98 41.54
C SER B 410 1.82 -15.58 41.91
N ILE B 411 0.94 -14.64 41.56
CA ILE B 411 1.22 -13.24 41.77
C ILE B 411 0.43 -12.79 43.00
N ILE B 412 1.13 -12.47 44.05
CA ILE B 412 0.53 -12.01 45.28
C ILE B 412 0.50 -10.47 45.31
N ASN B 413 -0.68 -9.89 45.45
CA ASN B 413 -0.85 -8.44 45.54
C ASN B 413 -1.45 -7.95 46.85
N PRO B 414 -0.59 -7.58 47.79
CA PRO B 414 -0.93 -7.01 49.10
C PRO B 414 -0.95 -5.50 49.13
N THR B 415 -0.92 -4.83 47.95
CA THR B 415 -0.85 -3.36 47.90
C THR B 415 -2.28 -2.87 47.82
N ARG B 416 -2.49 -1.58 47.76
CA ARG B 416 -3.85 -1.04 47.72
C ARG B 416 -4.57 -1.08 46.40
N GLY B 417 -3.88 -1.35 45.29
CA GLY B 417 -4.51 -1.17 44.01
C GLY B 417 -4.28 -2.35 43.08
N THR B 418 -5.06 -2.38 42.02
CA THR B 418 -4.86 -3.34 40.94
C THR B 418 -3.61 -2.94 40.15
N HIS B 419 -2.77 -3.91 39.83
CA HIS B 419 -1.67 -3.69 38.90
C HIS B 419 -1.89 -4.56 37.65
N PRO B 420 -1.87 -3.95 36.45
CA PRO B 420 -1.95 -4.77 35.24
C PRO B 420 -0.56 -5.29 34.87
N ILE B 421 -0.29 -6.55 35.21
CA ILE B 421 1.01 -7.13 35.00
C ILE B 421 1.20 -7.66 33.57
N HIS B 422 2.30 -7.31 32.92
CA HIS B 422 2.54 -7.69 31.55
C HIS B 422 3.86 -8.41 31.46
N LEU B 423 3.85 -9.57 30.80
CA LEU B 423 5.03 -10.27 30.45
C LEU B 423 5.26 -10.10 28.94
N HIS B 424 6.48 -9.81 28.61
CA HIS B 424 6.89 -9.78 27.19
C HIS B 424 6.98 -11.18 26.64
N LEU B 425 7.08 -11.25 25.30
CA LEU B 425 7.25 -12.48 24.50
C LEU B 425 6.00 -13.37 24.48
N VAL B 426 5.52 -13.72 25.67
CA VAL B 426 4.52 -14.78 25.82
C VAL B 426 3.09 -14.30 25.98
N SER B 427 2.15 -15.19 25.73
CA SER B 427 0.78 -15.00 26.18
C SER B 427 0.52 -16.18 27.11
N PHE B 428 -0.45 -16.03 28.00
CA PHE B 428 -0.62 -16.98 29.10
C PHE B 428 -2.08 -17.24 29.39
N ARG B 429 -2.33 -18.36 30.07
CA ARG B 429 -3.72 -18.69 30.46
C ARG B 429 -3.88 -18.28 31.90
N VAL B 430 -5.08 -17.85 32.28
CA VAL B 430 -5.37 -17.55 33.66
C VAL B 430 -5.97 -18.80 34.35
N LEU B 431 -5.40 -19.21 35.47
CA LEU B 431 -5.91 -20.39 36.23
C LEU B 431 -6.95 -20.00 37.25
N ASP B 432 -6.59 -19.07 38.14
CA ASP B 432 -7.58 -18.60 39.08
C ASP B 432 -7.14 -17.38 39.86
N ARG B 433 -8.09 -16.84 40.63
CA ARG B 433 -7.80 -15.83 41.62
C ARG B 433 -8.41 -16.25 42.96
N ARG B 434 -7.76 -15.88 44.02
CA ARG B 434 -8.18 -16.25 45.38
C ARG B 434 -7.85 -15.14 46.38
N PRO B 435 -8.86 -14.71 47.18
CA PRO B 435 -8.72 -13.58 48.10
C PRO B 435 -7.97 -13.93 49.32
N PHE B 436 -7.11 -13.01 49.78
CA PHE B 436 -6.39 -13.17 51.00
C PHE B 436 -6.49 -11.94 51.88
N ASP B 437 -6.09 -12.12 53.14
CA ASP B 437 -6.19 -11.07 54.20
C ASP B 437 -4.91 -10.22 54.21
N ILE B 438 -5.00 -9.00 53.67
CA ILE B 438 -3.80 -8.15 53.50
C ILE B 438 -3.23 -7.80 54.85
N ALA B 439 -4.10 -7.49 55.81
CA ALA B 439 -3.58 -7.06 57.13
C ALA B 439 -2.69 -8.12 57.72
N ARG B 440 -3.15 -9.39 57.69
CA ARG B 440 -2.41 -10.50 58.28
C ARG B 440 -1.06 -10.67 57.54
N TYR B 441 -1.12 -10.51 56.24
CA TYR B 441 0.09 -10.59 55.46
C TYR B 441 1.08 -9.48 55.87
N GLN B 442 0.60 -8.24 56.00
CA GLN B 442 1.49 -7.12 56.38
C GLN B 442 2.02 -7.28 57.78
N GLU B 443 1.21 -7.87 58.64
CA GLU B 443 1.50 -7.98 60.04
C GLU B 443 2.52 -9.08 60.29
N SER B 444 2.34 -10.22 59.63
CA SER B 444 3.07 -11.44 59.94
C SER B 444 3.79 -12.04 58.78
N GLY B 445 3.46 -11.62 57.56
CA GLY B 445 4.01 -12.26 56.38
C GLY B 445 3.33 -13.59 56.04
N GLU B 446 2.26 -13.94 56.74
CA GLU B 446 1.46 -15.11 56.38
C GLU B 446 0.40 -14.83 55.31
N LEU B 447 0.31 -15.76 54.38
CA LEU B 447 -0.79 -15.79 53.44
C LEU B 447 -1.99 -16.57 53.98
N SER B 448 -3.04 -15.85 54.37
CA SER B 448 -4.28 -16.47 54.85
C SER B 448 -5.43 -16.15 53.89
N TYR B 449 -5.87 -17.19 53.16
CA TYR B 449 -6.95 -17.05 52.22
C TYR B 449 -8.28 -16.79 52.90
N THR B 450 -9.15 -15.99 52.31
CA THR B 450 -10.44 -15.66 52.93
C THR B 450 -11.60 -16.25 52.18
N GLY B 451 -11.28 -17.06 51.19
CA GLY B 451 -12.31 -17.61 50.34
C GLY B 451 -11.70 -18.61 49.40
N PRO B 452 -12.56 -19.31 48.66
CA PRO B 452 -12.05 -20.30 47.72
C PRO B 452 -11.50 -19.68 46.44
N ALA B 453 -10.70 -20.42 45.70
CA ALA B 453 -10.26 -19.96 44.38
C ALA B 453 -11.47 -19.86 43.44
N VAL B 454 -11.44 -18.84 42.59
CA VAL B 454 -12.47 -18.67 41.59
C VAL B 454 -11.79 -18.69 40.21
N PRO B 455 -12.41 -19.39 39.26
CA PRO B 455 -11.83 -19.45 37.90
C PRO B 455 -11.95 -18.12 37.18
N PRO B 456 -11.24 -18.01 36.06
CA PRO B 456 -11.34 -16.82 35.25
C PRO B 456 -12.73 -16.70 34.73
N PRO B 457 -13.24 -15.48 34.58
CA PRO B 457 -14.45 -15.37 33.81
C PRO B 457 -14.18 -15.70 32.33
N PRO B 458 -15.24 -15.92 31.57
CA PRO B 458 -15.12 -16.27 30.17
C PRO B 458 -14.22 -15.33 29.35
N SER B 459 -14.21 -14.03 29.67
CA SER B 459 -13.31 -13.04 29.03
C SER B 459 -11.88 -13.41 29.09
N GLU B 460 -11.52 -14.14 30.15
CA GLU B 460 -10.16 -14.56 30.45
C GLU B 460 -9.90 -16.04 30.33
N LYS B 461 -10.72 -16.73 29.55
CA LYS B 461 -10.48 -18.16 29.29
C LYS B 461 -9.60 -18.39 28.07
N GLY B 462 -9.18 -17.31 27.44
CA GLY B 462 -8.26 -17.43 26.31
C GLY B 462 -6.83 -17.09 26.69
N TRP B 463 -6.19 -16.29 25.84
CA TRP B 463 -4.78 -15.97 25.97
C TRP B 463 -4.70 -14.48 26.36
N LYS B 464 -3.92 -14.21 27.40
CA LYS B 464 -3.68 -12.86 27.85
C LYS B 464 -2.20 -12.56 27.86
N ASP B 465 -1.83 -11.29 27.80
CA ASP B 465 -0.47 -10.84 28.03
C ASP B 465 -0.36 -9.71 29.03
N THR B 466 -1.49 -9.09 29.35
CA THR B 466 -1.59 -8.07 30.40
C THR B 466 -2.80 -8.38 31.28
N ILE B 467 -2.56 -8.65 32.54
CA ILE B 467 -3.58 -9.22 33.43
C ILE B 467 -3.74 -8.41 34.72
N GLN B 468 -4.97 -8.08 35.04
CA GLN B 468 -5.28 -7.36 36.29
C GLN B 468 -5.07 -8.22 37.54
N ALA B 469 -4.05 -7.87 38.32
CA ALA B 469 -3.83 -8.50 39.64
C ALA B 469 -4.49 -7.61 40.67
N HIS B 470 -5.69 -7.97 41.06
CA HIS B 470 -6.37 -7.18 42.07
C HIS B 470 -5.74 -7.20 43.42
N ALA B 471 -6.04 -6.15 44.19
CA ALA B 471 -5.53 -6.00 45.52
C ALA B 471 -6.15 -7.10 46.39
N GLY B 472 -5.36 -7.66 47.28
CA GLY B 472 -5.91 -8.64 48.25
C GLY B 472 -6.25 -9.96 47.60
N GLU B 473 -5.60 -10.24 46.48
CA GLU B 473 -5.81 -11.53 45.78
C GLU B 473 -4.47 -12.08 45.31
N VAL B 474 -4.43 -13.40 45.18
CA VAL B 474 -3.36 -14.12 44.55
C VAL B 474 -3.90 -14.58 43.20
N LEU B 475 -3.17 -14.22 42.15
CA LEU B 475 -3.55 -14.52 40.80
C LEU B 475 -2.60 -15.56 40.25
N ARG B 476 -3.13 -16.64 39.68
CA ARG B 476 -2.28 -17.64 39.06
C ARG B 476 -2.50 -17.66 37.56
N ILE B 477 -1.39 -17.65 36.85
CA ILE B 477 -1.38 -17.75 35.43
C ILE B 477 -0.34 -18.76 34.97
N ALA B 478 -0.54 -19.25 33.77
CA ALA B 478 0.33 -20.30 33.26
C ALA B 478 0.89 -19.86 31.90
N ALA B 479 2.20 -19.85 31.79
CA ALA B 479 2.92 -19.39 30.62
C ALA B 479 3.90 -20.42 30.18
N THR B 480 4.02 -20.58 28.85
CA THR B 480 5.13 -21.34 28.29
C THR B 480 6.14 -20.40 27.70
N PHE B 481 7.38 -20.51 28.15
CA PHE B 481 8.40 -19.55 27.87
C PHE B 481 9.19 -19.86 26.60
N GLY B 482 8.66 -19.40 25.50
CA GLY B 482 9.38 -19.40 24.23
C GLY B 482 8.51 -18.73 23.19
N PRO B 483 8.76 -18.99 21.89
CA PRO B 483 9.77 -19.93 21.31
C PRO B 483 11.23 -19.48 21.38
N TYR B 484 11.48 -18.21 21.63
CA TYR B 484 12.83 -17.66 21.66
C TYR B 484 13.41 -17.59 23.08
N SER B 485 14.74 -17.64 23.19
CA SER B 485 15.38 -17.46 24.45
C SER B 485 15.98 -16.10 24.34
N GLY B 486 16.37 -15.56 25.47
CA GLY B 486 16.98 -14.27 25.51
C GLY B 486 16.47 -13.40 26.64
N ARG B 487 16.86 -12.13 26.57
CA ARG B 487 16.63 -11.15 27.61
C ARG B 487 15.43 -10.30 27.30
N TYR B 488 14.42 -10.43 28.14
CA TYR B 488 13.16 -9.72 27.98
C TYR B 488 12.85 -9.02 29.33
N VAL B 489 11.61 -8.61 29.52
CA VAL B 489 11.19 -7.94 30.78
C VAL B 489 9.77 -8.35 31.14
N TRP B 490 9.42 -8.12 32.40
CA TRP B 490 8.05 -8.11 32.84
C TRP B 490 7.83 -6.93 33.79
N HIS B 491 6.62 -6.40 33.80
CA HIS B 491 6.34 -5.20 34.58
C HIS B 491 4.87 -4.88 34.73
N CYS B 492 4.56 -3.97 35.68
CA CYS B 492 3.27 -3.37 35.72
C CYS B 492 3.19 -2.42 34.52
N HIS B 493 2.02 -2.33 33.92
CA HIS B 493 1.82 -1.46 32.77
C HIS B 493 1.10 -0.14 33.13
N ILE B 494 0.98 0.14 34.43
CA ILE B 494 0.70 1.54 34.85
C ILE B 494 2.05 2.23 34.68
N LEU B 495 2.16 3.12 33.70
CA LEU B 495 3.47 3.65 33.29
C LEU B 495 4.19 4.39 34.40
N GLU B 496 3.41 5.04 35.24
CA GLU B 496 3.96 5.76 36.45
C GLU B 496 4.55 4.79 37.43
N HIS B 497 4.00 3.56 37.47
CA HIS B 497 4.62 2.49 38.25
C HIS B 497 5.82 1.89 37.55
N GLU B 498 5.67 1.58 36.27
CA GLU B 498 6.70 0.93 35.48
C GLU B 498 8.01 1.70 35.59
N ASP B 499 7.94 3.02 35.55
CA ASP B 499 9.13 3.85 35.52
C ASP B 499 9.75 3.98 36.93
N TYR B 500 9.04 3.63 38.00
CA TYR B 500 9.59 3.80 39.35
C TYR B 500 8.95 2.90 40.40
N ASP B 501 9.37 1.62 40.46
CA ASP B 501 10.38 0.98 39.59
C ASP B 501 9.92 -0.48 39.33
N MET B 502 8.66 -0.59 38.94
CA MET B 502 7.93 -1.86 38.90
C MET B 502 8.15 -2.57 37.57
N MET B 503 9.41 -2.85 37.32
CA MET B 503 9.87 -3.48 36.09
C MET B 503 11.11 -4.27 36.40
N ARG B 504 11.16 -5.50 35.89
CA ARG B 504 12.29 -6.38 36.07
C ARG B 504 12.72 -7.08 34.80
N PRO B 505 14.00 -7.41 34.72
CA PRO B 505 14.43 -8.22 33.57
C PRO B 505 13.92 -9.64 33.68
N MET B 506 13.77 -10.33 32.54
CA MET B 506 13.32 -11.74 32.53
C MET B 506 14.15 -12.47 31.47
N ASP B 507 15.01 -13.41 31.89
CA ASP B 507 15.84 -14.18 30.94
C ASP B 507 15.21 -15.50 30.64
N ILE B 508 14.89 -15.75 29.38
CA ILE B 508 14.49 -17.10 28.96
C ILE B 508 15.77 -17.80 28.58
N THR B 509 16.12 -18.80 29.40
CA THR B 509 17.43 -19.43 29.29
C THR B 509 17.40 -20.64 28.35
N ASP B 510 18.51 -20.88 27.69
CA ASP B 510 18.66 -22.10 26.89
C ASP B 510 20.01 -22.70 27.37
N PRO B 511 19.95 -23.83 28.10
CA PRO B 511 21.18 -24.36 28.72
C PRO B 511 22.27 -24.76 27.72
N HIS B 512 21.88 -25.13 26.50
CA HIS B 512 22.87 -25.56 25.49
C HIS B 512 22.45 -25.25 24.05
#